data_3EGL
#
_entry.id   3EGL
#
_cell.length_a   104.253
_cell.length_b   151.667
_cell.length_c   76.880
_cell.angle_alpha   90.00
_cell.angle_beta   90.00
_cell.angle_gamma   90.00
#
_symmetry.space_group_name_H-M   'P 21 21 2'
#
loop_
_entity.id
_entity.type
_entity.pdbx_description
1 polymer 'DegV family protein'
2 non-polymer 'PALMITIC ACID'
3 non-polymer 'FORMIC ACID'
4 water water
#
_entity_poly.entity_id   1
_entity_poly.type   'polypeptide(L)'
_entity_poly.pdbx_seq_one_letter_code
;SNA(MSE)PVRVIVDSSACLPTHVAEDLDITVINLHV(MSE)NNGEERSTSGLSSLELAASYARQLERGGDDGVLALHIS
(MLY)ELSSTWSAAVTAAAVFDDDSVRVVDTSSLG(MSE)AVGAAA(MSE)AAAR(MSE)A(MLY)DGASLQECYDIAVD
TL(MLY)RSETWIYLHRIDEIW(MLY)SGRISTATA(MSE)VSTALATRPI(MSE)RFNGGR(MSE)EIAA(MLY)TRTQ
S(MLY)AFA(MLY)LVELAQIRADGEPVFIAIGQNEAREAA(MLY)QLEELLRNALPEGSSF(MSE)SVDIDPTLAVHSG
PGAVSVSAVFANQAPELSTG(MLY)AGA(MLY)
;
_entity_poly.pdbx_strand_id   A,B,C
#
loop_
_chem_comp.id
_chem_comp.type
_chem_comp.name
_chem_comp.formula
FMT non-polymer 'FORMIC ACID' 'C H2 O2'
PLM non-polymer 'PALMITIC ACID' 'C16 H32 O2'
#
# COMPACT_ATOMS: atom_id res chain seq x y z
N ALA A 3 12.98 37.27 10.41
CA ALA A 3 12.81 35.97 9.69
C ALA A 3 12.60 36.16 8.17
N MSE A 4 13.18 35.24 7.39
CA MSE A 4 13.05 35.18 5.95
C MSE A 4 11.81 34.34 5.61
O MSE A 4 11.43 33.46 6.39
CB MSE A 4 14.29 34.53 5.37
CG MSE A 4 15.56 35.36 5.46
SE MSE A 4 15.64 36.46 3.86
CE MSE A 4 14.25 37.79 4.27
N PRO A 5 11.16 34.59 4.46
CA PRO A 5 10.00 33.75 4.21
C PRO A 5 10.38 32.26 4.07
N VAL A 6 9.44 31.40 4.46
CA VAL A 6 9.49 29.98 4.14
C VAL A 6 9.70 29.80 2.63
N ARG A 7 10.48 28.81 2.25
CA ARG A 7 10.79 28.63 0.85
C ARG A 7 10.05 27.42 0.30
N VAL A 8 9.48 27.55 -0.89
CA VAL A 8 8.69 26.48 -1.49
C VAL A 8 9.41 25.83 -2.67
N ILE A 9 9.37 24.50 -2.70
CA ILE A 9 10.04 23.70 -3.71
C ILE A 9 9.07 22.68 -4.24
N VAL A 10 9.02 22.56 -5.57
CA VAL A 10 8.26 21.51 -6.25
C VAL A 10 9.20 20.84 -7.24
N ASP A 11 8.71 19.79 -7.89
CA ASP A 11 9.43 19.20 -8.98
C ASP A 11 8.73 19.62 -10.29
N SER A 12 9.27 19.20 -11.43
CA SER A 12 8.77 19.66 -12.73
C SER A 12 7.35 19.13 -13.00
N SER A 13 7.02 17.97 -12.41
CA SER A 13 5.67 17.43 -12.59
C SER A 13 4.54 18.37 -12.12
N ALA A 14 4.83 19.36 -11.27
CA ALA A 14 3.78 20.32 -10.90
C ALA A 14 3.27 21.14 -12.10
N CYS A 15 4.06 21.20 -13.18
CA CYS A 15 3.72 21.98 -14.40
C CYS A 15 3.64 23.51 -14.27
N LEU A 16 4.30 24.10 -13.28
CA LEU A 16 4.18 25.53 -13.16
C LEU A 16 4.85 26.14 -14.36
N PRO A 17 4.22 27.14 -14.99
CA PRO A 17 4.96 27.89 -16.02
C PRO A 17 6.18 28.50 -15.39
N THR A 18 7.25 28.50 -16.17
CA THR A 18 8.52 28.99 -15.75
C THR A 18 8.46 30.38 -15.15
N HIS A 19 7.82 31.32 -15.83
CA HIS A 19 7.78 32.71 -15.35
C HIS A 19 6.97 32.86 -14.05
N VAL A 20 5.95 32.01 -13.85
CA VAL A 20 5.23 31.97 -12.57
C VAL A 20 6.11 31.46 -11.42
N ALA A 21 6.80 30.34 -11.62
CA ALA A 21 7.73 29.82 -10.62
C ALA A 21 8.75 30.88 -10.27
N GLU A 22 9.30 31.53 -11.29
CA GLU A 22 10.23 32.66 -11.10
C GLU A 22 9.62 33.86 -10.35
N ASP A 23 8.49 34.37 -10.82
N ASP A 23 8.46 34.33 -10.82
CA ASP A 23 7.84 35.50 -10.16
CA ASP A 23 7.74 35.44 -10.21
C ASP A 23 7.58 35.21 -8.68
C ASP A 23 7.48 35.22 -8.72
N LEU A 24 7.15 33.98 -8.35
CA LEU A 24 6.79 33.65 -6.95
C LEU A 24 7.93 33.05 -6.15
N ASP A 25 9.11 32.93 -6.76
CA ASP A 25 10.28 32.41 -6.06
C ASP A 25 10.07 30.95 -5.57
N ILE A 26 9.38 30.18 -6.40
CA ILE A 26 9.22 28.77 -6.14
C ILE A 26 10.38 28.05 -6.86
N THR A 27 11.09 27.20 -6.12
CA THR A 27 12.18 26.45 -6.70
C THR A 27 11.59 25.21 -7.40
N VAL A 28 11.99 25.03 -8.66
CA VAL A 28 11.58 23.84 -9.43
C VAL A 28 12.76 22.83 -9.62
N ILE A 29 12.61 21.58 -9.18
CA ILE A 29 13.63 20.56 -9.50
C ILE A 29 13.10 19.65 -10.57
N ASN A 30 13.86 19.48 -11.64
CA ASN A 30 13.41 18.63 -12.75
C ASN A 30 13.52 17.12 -12.52
N LEU A 31 12.42 16.40 -12.78
CA LEU A 31 12.48 14.92 -12.88
C LEU A 31 13.33 14.53 -14.12
N HIS A 32 13.67 13.25 -14.26
CA HIS A 32 14.58 12.81 -15.34
C HIS A 32 13.90 12.15 -16.54
N VAL A 33 14.36 12.57 -17.72
CA VAL A 33 14.03 11.89 -18.97
C VAL A 33 15.32 11.30 -19.55
N MSE A 34 15.35 9.98 -19.70
CA MSE A 34 16.49 9.32 -20.37
C MSE A 34 16.11 8.94 -21.79
O MSE A 34 15.17 8.17 -22.02
CB MSE A 34 16.99 8.12 -19.60
CG MSE A 34 17.55 8.44 -18.24
SE MSE A 34 16.22 8.04 -16.82
CE MSE A 34 16.92 6.25 -16.40
N ASN A 35 16.80 9.53 -22.75
CA ASN A 35 16.57 9.21 -24.12
C ASN A 35 17.75 8.33 -24.50
N ASN A 36 17.61 7.02 -24.34
CA ASN A 36 18.72 6.10 -24.63
C ASN A 36 18.38 4.96 -25.59
N GLY A 37 18.85 5.10 -26.82
CA GLY A 37 18.42 4.25 -27.91
C GLY A 37 17.19 4.90 -28.49
N GLU A 38 16.15 4.09 -28.72
CA GLU A 38 14.90 4.54 -29.33
C GLU A 38 13.93 5.10 -28.28
N GLU A 39 13.78 4.36 -27.17
CA GLU A 39 12.76 4.67 -26.17
C GLU A 39 13.14 5.76 -25.15
N ARG A 40 12.15 6.56 -24.80
CA ARG A 40 12.28 7.49 -23.71
C ARG A 40 11.84 6.81 -22.44
N SER A 41 12.54 7.09 -21.35
CA SER A 41 12.05 6.67 -20.04
C SER A 41 12.33 7.74 -19.00
N THR A 42 11.80 7.52 -17.81
CA THR A 42 11.81 8.54 -16.79
C THR A 42 12.25 7.99 -15.45
N SER A 43 12.57 8.89 -14.56
CA SER A 43 13.14 8.54 -13.30
C SER A 43 12.75 9.60 -12.26
N GLY A 44 12.40 9.15 -11.07
CA GLY A 44 12.16 10.09 -9.96
C GLY A 44 13.44 10.74 -9.47
N LEU A 45 13.29 11.66 -8.51
CA LEU A 45 14.46 12.31 -7.93
C LEU A 45 15.06 11.42 -6.86
N SER A 46 16.39 11.34 -6.83
CA SER A 46 17.09 10.53 -5.85
C SER A 46 17.18 11.30 -4.54
N SER A 47 17.44 10.63 -3.42
CA SER A 47 17.47 11.33 -2.16
C SER A 47 18.72 12.24 -2.08
N LEU A 48 19.78 11.82 -2.76
CA LEU A 48 20.96 12.64 -2.84
C LEU A 48 20.71 14.03 -3.51
N GLU A 49 19.92 14.06 -4.57
CA GLU A 49 19.66 15.30 -5.29
C GLU A 49 18.74 16.13 -4.45
N LEU A 50 17.85 15.49 -3.71
CA LEU A 50 16.95 16.25 -2.87
C LEU A 50 17.67 16.84 -1.65
N ALA A 51 18.62 16.08 -1.07
CA ALA A 51 19.40 16.61 0.04
C ALA A 51 20.08 17.91 -0.40
N ALA A 52 20.67 17.89 -1.59
CA ALA A 52 21.38 19.05 -2.14
C ALA A 52 20.41 20.17 -2.39
N SER A 53 19.28 19.85 -2.97
CA SER A 53 18.36 20.83 -3.36
C SER A 53 17.75 21.55 -2.11
N TYR A 54 17.42 20.76 -1.09
CA TYR A 54 16.82 21.26 0.15
C TYR A 54 17.83 22.09 0.96
N ALA A 55 19.08 21.62 1.01
CA ALA A 55 20.09 22.30 1.81
C ALA A 55 20.31 23.65 1.16
N ARG A 56 20.30 23.67 -0.16
CA ARG A 56 20.54 24.92 -0.84
C ARG A 56 19.40 25.97 -0.60
N GLN A 57 18.16 25.50 -0.54
CA GLN A 57 17.04 26.39 -0.21
C GLN A 57 17.03 26.81 1.28
N LEU A 58 17.43 25.91 2.17
CA LEU A 58 17.63 26.24 3.56
C LEU A 58 18.68 27.32 3.73
N GLU A 59 19.82 27.16 3.08
CA GLU A 59 20.86 28.17 3.16
C GLU A 59 20.32 29.53 2.69
N ARG A 60 19.58 29.53 1.59
CA ARG A 60 19.10 30.76 0.96
C ARG A 60 18.03 31.43 1.84
N GLY A 61 17.17 30.66 2.48
CA GLY A 61 16.13 31.24 3.33
C GLY A 61 16.53 31.41 4.77
N GLY A 62 17.84 31.44 5.04
CA GLY A 62 18.36 31.49 6.41
C GLY A 62 17.79 30.44 7.35
N ASP A 63 17.48 29.25 6.84
CA ASP A 63 16.96 28.13 7.66
C ASP A 63 15.66 28.46 8.41
N ASP A 64 14.76 29.17 7.75
CA ASP A 64 13.44 29.40 8.33
C ASP A 64 12.37 28.46 7.75
N GLY A 65 12.80 27.50 6.94
CA GLY A 65 11.93 26.42 6.62
C GLY A 65 11.75 26.22 5.14
N VAL A 66 11.60 24.95 4.78
CA VAL A 66 11.34 24.56 3.40
C VAL A 66 10.10 23.66 3.34
N LEU A 67 9.15 24.05 2.49
CA LEU A 67 8.03 23.23 2.14
C LEU A 67 8.23 22.59 0.76
N ALA A 68 8.17 21.27 0.73
CA ALA A 68 8.46 20.52 -0.50
C ALA A 68 7.20 19.80 -0.95
N LEU A 69 6.83 20.03 -2.21
CA LEU A 69 5.64 19.41 -2.78
C LEU A 69 5.95 18.66 -4.07
N HIS A 70 5.90 17.34 -4.00
CA HIS A 70 6.34 16.43 -5.03
C HIS A 70 5.18 15.57 -5.50
N ILE A 71 5.30 15.14 -6.76
CA ILE A 71 4.50 14.07 -7.32
C ILE A 71 4.16 12.93 -6.31
N SER A 72 2.90 12.47 -6.43
CA SER A 72 2.32 11.41 -5.62
C SER A 72 3.28 10.25 -5.42
N MLY A 73 3.30 9.73 -4.20
CA MLY A 73 4.13 8.57 -3.88
CB MLY A 73 4.17 8.25 -2.36
CG MLY A 73 2.77 7.98 -1.80
CD MLY A 73 2.82 7.83 -0.26
CE MLY A 73 1.42 7.56 0.27
NZ MLY A 73 1.34 7.86 1.71
CH1 MLY A 73 2.24 7.07 2.63
CH2 MLY A 73 -0.10 7.74 2.02
C MLY A 73 3.65 7.31 -4.61
O MLY A 73 4.41 6.34 -4.69
N GLU A 74 2.46 7.29 -5.17
CA GLU A 74 2.07 6.07 -5.92
C GLU A 74 2.45 6.10 -7.41
N LEU A 75 2.97 7.22 -7.89
CA LEU A 75 3.27 7.36 -9.29
C LEU A 75 4.77 7.40 -9.45
N SER A 76 5.47 7.66 -8.35
CA SER A 76 6.91 7.93 -8.42
C SER A 76 7.63 7.60 -7.12
N SER A 77 8.91 7.27 -7.21
CA SER A 77 9.74 7.05 -6.02
C SER A 77 10.17 8.38 -5.38
N THR A 78 9.74 9.51 -5.93
CA THR A 78 10.21 10.81 -5.47
C THR A 78 9.93 11.12 -4.02
N TRP A 79 8.69 10.95 -3.59
CA TRP A 79 8.31 11.19 -2.21
C TRP A 79 9.14 10.40 -1.20
N SER A 80 9.39 9.15 -1.52
CA SER A 80 10.18 8.28 -0.67
C SER A 80 11.63 8.83 -0.56
N ALA A 81 12.14 9.37 -1.67
CA ALA A 81 13.48 10.01 -1.67
C ALA A 81 13.43 11.30 -0.85
N ALA A 82 12.33 12.02 -0.95
CA ALA A 82 12.17 13.31 -0.28
C ALA A 82 12.18 13.16 1.25
N VAL A 83 11.52 12.11 1.72
N VAL A 83 11.51 12.12 1.75
CA VAL A 83 11.39 11.83 3.13
CA VAL A 83 11.42 11.88 3.20
C VAL A 83 12.75 11.42 3.72
C VAL A 83 12.75 11.39 3.75
N THR A 84 13.51 10.64 2.95
CA THR A 84 14.89 10.29 3.30
C THR A 84 15.76 11.57 3.35
N ALA A 85 15.69 12.44 2.33
CA ALA A 85 16.51 13.68 2.34
C ALA A 85 16.11 14.63 3.48
N ALA A 86 14.80 14.77 3.71
CA ALA A 86 14.32 15.64 4.78
C ALA A 86 14.84 15.21 6.17
N ALA A 87 15.04 13.91 6.40
CA ALA A 87 15.46 13.43 7.70
C ALA A 87 16.93 13.75 7.95
N VAL A 88 17.58 14.36 6.97
CA VAL A 88 18.98 14.65 7.13
C VAL A 88 19.15 16.03 7.83
N PHE A 89 18.09 16.83 7.87
CA PHE A 89 18.14 18.16 8.49
C PHE A 89 17.56 18.11 9.89
N ASP A 90 17.76 19.14 10.69
CA ASP A 90 17.10 19.21 12.00
C ASP A 90 15.61 19.05 11.89
N ASP A 91 15.02 18.41 12.90
CA ASP A 91 13.58 18.25 12.99
C ASP A 91 12.78 19.42 12.41
N ASP A 92 11.94 19.04 11.46
CA ASP A 92 11.02 19.94 10.79
C ASP A 92 11.62 21.20 10.11
N SER A 93 12.87 21.14 9.68
CA SER A 93 13.40 22.19 8.81
C SER A 93 12.80 22.06 7.43
N VAL A 94 12.59 20.82 7.01
CA VAL A 94 12.00 20.52 5.74
C VAL A 94 10.70 19.78 5.96
N ARG A 95 9.60 20.38 5.50
CA ARG A 95 8.35 19.71 5.59
C ARG A 95 7.93 19.16 4.20
N VAL A 96 7.83 17.83 4.08
CA VAL A 96 7.41 17.17 2.83
C VAL A 96 5.87 16.93 2.81
N VAL A 97 5.17 17.58 1.90
CA VAL A 97 3.73 17.42 1.80
C VAL A 97 3.50 16.05 1.14
N ASP A 98 2.62 15.23 1.71
CA ASP A 98 2.29 13.95 1.02
C ASP A 98 1.15 14.24 0.03
N THR A 99 1.44 14.54 -1.23
CA THR A 99 0.39 15.16 -2.05
C THR A 99 -0.73 14.23 -2.57
N SER A 100 -0.42 12.99 -2.91
CA SER A 100 -1.40 12.15 -3.64
C SER A 100 -1.89 12.84 -4.92
N SER A 101 -1.02 13.52 -5.63
CA SER A 101 -1.45 14.23 -6.79
C SER A 101 -0.24 14.53 -7.63
N LEU A 102 -0.48 15.18 -8.76
CA LEU A 102 0.55 15.63 -9.65
C LEU A 102 -0.01 16.79 -10.47
N GLY A 103 0.87 17.51 -11.16
CA GLY A 103 0.42 18.56 -12.05
C GLY A 103 -0.02 19.78 -11.30
N MSE A 104 -0.82 20.61 -11.95
CA MSE A 104 -1.21 21.88 -11.34
C MSE A 104 -2.13 21.81 -10.08
O MSE A 104 -2.27 22.83 -9.37
CB MSE A 104 -1.80 22.80 -12.39
CG MSE A 104 -0.77 23.45 -13.29
SE MSE A 104 0.33 24.73 -12.27
CE MSE A 104 -1.13 25.87 -11.66
N ALA A 105 -2.71 20.67 -9.71
CA ALA A 105 -3.28 20.62 -8.35
C ALA A 105 -2.12 20.88 -7.32
N VAL A 106 -0.98 20.23 -7.54
CA VAL A 106 0.21 20.51 -6.76
C VAL A 106 0.78 21.90 -7.00
N GLY A 107 1.00 22.29 -8.26
CA GLY A 107 1.38 23.67 -8.57
C GLY A 107 0.48 24.66 -7.87
N ALA A 108 -0.83 24.46 -7.90
CA ALA A 108 -1.76 25.36 -7.18
C ALA A 108 -1.49 25.43 -5.68
N ALA A 109 -1.28 24.26 -5.07
CA ALA A 109 -1.01 24.20 -3.62
C ALA A 109 0.28 24.94 -3.34
N ALA A 110 1.25 24.82 -4.26
CA ALA A 110 2.51 25.51 -4.10
C ALA A 110 2.37 27.03 -4.19
N MSE A 111 1.55 27.49 -5.13
CA MSE A 111 1.34 28.95 -5.29
C MSE A 111 0.64 29.52 -4.06
O MSE A 111 0.99 30.59 -3.58
CB MSE A 111 0.55 29.26 -6.57
CG MSE A 111 1.25 28.85 -7.88
SE MSE A 111 -0.05 28.71 -9.35
CE MSE A 111 -0.17 30.54 -9.75
N ALA A 112 -0.35 28.81 -3.53
CA ALA A 112 -1.01 29.26 -2.32
C ALA A 112 -0.02 29.28 -1.13
N ALA A 113 0.81 28.27 -1.04
CA ALA A 113 1.83 28.23 0.00
C ALA A 113 2.87 29.34 -0.15
N ALA A 114 3.41 29.53 -1.35
CA ALA A 114 4.32 30.69 -1.66
C ALA A 114 3.73 32.05 -1.34
N ARG A 115 2.46 32.23 -1.63
CA ARG A 115 1.85 33.54 -1.34
C ARG A 115 1.73 33.79 0.16
N MSE A 116 1.36 32.78 0.89
CA MSE A 116 1.35 32.84 2.32
C MSE A 116 2.76 33.03 2.91
O MSE A 116 2.95 33.82 3.82
CB MSE A 116 0.77 31.52 2.77
CG MSE A 116 0.02 31.62 4.00
SE MSE A 116 -1.69 32.47 3.88
CE MSE A 116 -1.98 33.20 2.03
N ALA A 117 3.74 32.31 2.36
CA ALA A 117 5.10 32.47 2.86
C ALA A 117 5.50 33.93 2.75
N MLY A 118 5.15 34.54 1.60
CA MLY A 118 5.49 35.92 1.31
CB MLY A 118 4.89 36.20 -0.09
CG MLY A 118 5.04 37.68 -0.56
CD MLY A 118 5.09 37.71 -2.10
CE MLY A 118 5.36 39.14 -2.60
NZ MLY A 118 5.17 39.29 -4.08
CH1 MLY A 118 4.59 38.07 -4.74
CH2 MLY A 118 4.36 40.48 -4.39
C MLY A 118 4.98 36.89 2.44
O MLY A 118 5.66 37.85 2.76
N ASP A 119 3.79 36.62 3.01
CA ASP A 119 3.23 37.37 4.13
C ASP A 119 3.82 36.93 5.49
N GLY A 120 4.90 36.15 5.50
CA GLY A 120 5.53 35.77 6.78
C GLY A 120 4.90 34.58 7.50
N ALA A 121 4.00 33.82 6.84
CA ALA A 121 3.38 32.67 7.46
C ALA A 121 4.44 31.64 7.90
N SER A 122 4.16 30.94 9.00
CA SER A 122 5.07 29.89 9.46
C SER A 122 5.03 28.66 8.52
N LEU A 123 6.04 27.81 8.63
CA LEU A 123 6.06 26.53 7.91
C LEU A 123 4.73 25.74 8.12
N GLN A 124 4.34 25.48 9.38
CA GLN A 124 3.08 24.78 9.65
C GLN A 124 1.91 25.42 8.86
N GLU A 125 1.85 26.75 8.83
CA GLU A 125 0.76 27.48 8.17
C GLU A 125 0.79 27.39 6.66
N CYS A 126 2.01 27.43 6.08
CA CYS A 126 2.12 27.23 4.66
C CYS A 126 1.75 25.78 4.36
N TYR A 127 2.17 24.87 5.25
CA TYR A 127 1.81 23.45 5.12
C TYR A 127 0.28 23.29 5.06
N ASP A 128 -0.42 23.86 6.02
CA ASP A 128 -1.87 23.70 6.05
C ASP A 128 -2.59 24.26 4.82
N ILE A 129 -2.14 25.39 4.29
CA ILE A 129 -2.74 26.00 3.11
C ILE A 129 -2.58 25.05 1.91
N ALA A 130 -1.35 24.56 1.73
CA ALA A 130 -1.06 23.59 0.68
C ALA A 130 -1.93 22.31 0.80
N VAL A 131 -2.03 21.74 1.99
CA VAL A 131 -2.85 20.56 2.20
C VAL A 131 -4.33 20.83 1.90
N ASP A 132 -4.80 22.00 2.31
CA ASP A 132 -6.19 22.33 2.09
C ASP A 132 -6.48 22.56 0.58
N THR A 133 -5.54 23.17 -0.14
CA THR A 133 -5.73 23.36 -1.56
C THR A 133 -5.84 21.99 -2.25
N LEU A 134 -5.00 21.04 -1.86
CA LEU A 134 -5.02 19.72 -2.48
C LEU A 134 -6.28 18.95 -2.16
N MLY A 135 -6.76 19.04 -0.92
CA MLY A 135 -7.97 18.36 -0.51
CB MLY A 135 -8.32 18.69 0.96
CG MLY A 135 -8.19 17.44 1.84
CD MLY A 135 -9.37 17.25 2.82
CE MLY A 135 -8.97 17.76 4.24
NZ MLY A 135 -9.46 16.91 5.39
CH1 MLY A 135 -8.56 17.10 6.55
CH2 MLY A 135 -10.84 17.20 5.85
C MLY A 135 -9.13 18.84 -1.33
O MLY A 135 -10.10 18.15 -1.44
N ARG A 136 -9.06 20.04 -1.90
CA ARG A 136 -10.17 20.56 -2.66
C ARG A 136 -9.94 20.48 -4.15
N SER A 137 -8.93 19.72 -4.58
CA SER A 137 -8.63 19.66 -5.98
C SER A 137 -9.07 18.34 -6.64
N GLU A 138 -9.10 18.36 -7.95
CA GLU A 138 -9.30 17.16 -8.74
C GLU A 138 -8.38 17.27 -9.93
N THR A 139 -8.00 16.12 -10.47
CA THR A 139 -7.13 16.06 -11.66
C THR A 139 -7.72 15.03 -12.60
N TRP A 140 -8.09 15.50 -13.79
CA TRP A 140 -8.52 14.64 -14.87
C TRP A 140 -7.54 14.73 -16.04
N ILE A 141 -7.43 13.65 -16.82
CA ILE A 141 -6.56 13.65 -18.02
C ILE A 141 -7.29 12.97 -19.17
N TYR A 142 -7.28 13.66 -20.29
CA TYR A 142 -7.72 13.14 -21.57
C TYR A 142 -6.50 12.62 -22.27
N LEU A 143 -6.61 11.36 -22.69
CA LEU A 143 -5.58 10.71 -23.48
C LEU A 143 -6.06 10.57 -24.89
N HIS A 144 -5.25 11.07 -25.80
CA HIS A 144 -5.64 11.08 -27.18
C HIS A 144 -5.36 9.72 -27.80
N ARG A 145 -4.40 9.00 -27.22
CA ARG A 145 -4.20 7.57 -27.43
C ARG A 145 -3.71 6.91 -26.11
N ILE A 146 -3.80 5.60 -26.00
CA ILE A 146 -3.46 5.00 -24.72
C ILE A 146 -2.12 4.27 -24.69
N ASP A 147 -1.42 4.25 -25.82
N ASP A 147 -1.40 4.26 -25.82
CA ASP A 147 -0.15 3.55 -25.93
CA ASP A 147 -0.10 3.57 -25.93
C ASP A 147 0.83 3.87 -24.74
C ASP A 147 0.85 3.87 -24.76
N GLU A 148 1.14 5.14 -24.54
CA GLU A 148 2.12 5.54 -23.51
C GLU A 148 1.65 5.36 -22.08
N ILE A 149 0.41 5.73 -21.76
CA ILE A 149 -0.12 5.40 -20.42
C ILE A 149 -0.02 3.92 -20.06
N TRP A 150 -0.35 3.09 -21.05
CA TRP A 150 -0.33 1.66 -20.84
C TRP A 150 1.08 1.17 -20.52
N MLY A 151 2.10 1.64 -21.25
CA MLY A 151 3.48 1.19 -21.02
CB MLY A 151 4.41 1.65 -22.15
CG MLY A 151 4.16 1.03 -23.53
CD MLY A 151 4.75 1.93 -24.63
CE MLY A 151 4.98 1.13 -25.95
NZ MLY A 151 5.50 1.96 -27.09
CH1 MLY A 151 4.83 1.65 -28.38
CH2 MLY A 151 5.56 3.42 -26.83
C MLY A 151 4.10 1.80 -19.74
O MLY A 151 5.20 1.44 -19.38
N SER A 152 3.44 2.74 -19.08
CA SER A 152 4.06 3.49 -17.97
C SER A 152 4.15 2.70 -16.66
N GLY A 153 3.30 1.68 -16.52
CA GLY A 153 3.23 0.89 -15.31
C GLY A 153 2.32 1.50 -14.26
N ARG A 154 1.66 2.62 -14.57
CA ARG A 154 0.87 3.31 -13.56
C ARG A 154 -0.62 2.98 -13.64
N ILE A 155 -0.99 2.08 -14.53
CA ILE A 155 -2.32 1.55 -14.57
C ILE A 155 -2.25 0.18 -13.90
N SER A 156 -2.88 0.04 -12.74
CA SER A 156 -2.97 -1.28 -12.09
C SER A 156 -3.79 -2.23 -12.97
N THR A 157 -3.55 -3.53 -12.79
CA THR A 157 -4.31 -4.56 -13.52
C THR A 157 -5.77 -4.64 -13.08
N ALA A 158 -6.01 -4.36 -11.79
CA ALA A 158 -7.35 -4.13 -11.28
C ALA A 158 -8.08 -3.06 -12.14
N THR A 159 -7.38 -1.96 -12.46
CA THR A 159 -7.95 -0.92 -13.32
C THR A 159 -8.16 -1.42 -14.77
N ALA A 160 -7.15 -2.07 -15.35
CA ALA A 160 -7.27 -2.59 -16.72
C ALA A 160 -6.30 -3.74 -16.95
N MSE A 161 -6.84 -4.94 -17.18
CA MSE A 161 -6.00 -6.12 -17.41
C MSE A 161 -5.32 -6.15 -18.77
O MSE A 161 -4.27 -6.77 -18.94
CB MSE A 161 -6.80 -7.38 -17.23
CG MSE A 161 -6.88 -7.82 -15.79
SE MSE A 161 -8.17 -9.21 -15.86
CE MSE A 161 -6.99 -10.75 -15.79
N VAL A 162 -5.92 -5.45 -19.72
CA VAL A 162 -5.45 -5.42 -21.09
C VAL A 162 -5.74 -3.98 -21.55
N SER A 163 -4.85 -3.38 -22.32
CA SER A 163 -5.03 -1.99 -22.77
C SER A 163 -6.43 -1.74 -23.39
N THR A 164 -6.99 -2.74 -24.06
CA THR A 164 -8.40 -2.69 -24.50
C THR A 164 -9.39 -2.16 -23.47
N ALA A 165 -9.19 -2.49 -22.19
CA ALA A 165 -10.10 -2.09 -21.10
C ALA A 165 -10.12 -0.59 -20.83
N LEU A 166 -9.21 0.14 -21.48
CA LEU A 166 -9.17 1.59 -21.30
C LEU A 166 -10.02 2.34 -22.32
N ALA A 167 -10.51 1.62 -23.32
CA ALA A 167 -11.11 2.30 -24.47
C ALA A 167 -9.98 3.04 -25.22
N THR A 168 -10.34 3.95 -26.10
CA THR A 168 -9.34 4.50 -27.01
C THR A 168 -8.96 5.96 -26.72
N ARG A 169 -9.89 6.70 -26.11
CA ARG A 169 -9.70 8.12 -25.72
C ARG A 169 -10.27 8.43 -24.35
N PRO A 170 -9.80 7.72 -23.31
CA PRO A 170 -10.47 7.84 -22.01
C PRO A 170 -10.22 9.18 -21.33
N ILE A 171 -11.11 9.51 -20.38
CA ILE A 171 -10.79 10.45 -19.32
C ILE A 171 -10.31 9.65 -18.13
N MSE A 172 -9.08 9.94 -17.68
CA MSE A 172 -8.53 9.35 -16.48
C MSE A 172 -8.68 10.34 -15.32
O MSE A 172 -8.77 11.55 -15.53
CB MSE A 172 -7.04 9.01 -16.65
CG MSE A 172 -6.69 8.18 -17.91
SE MSE A 172 -7.51 6.41 -18.02
CE MSE A 172 -6.75 5.64 -16.38
N ARG A 173 -8.67 9.82 -14.11
CA ARG A 173 -8.72 10.63 -12.92
C ARG A 173 -7.81 10.03 -11.86
N PHE A 174 -7.16 10.87 -11.08
CA PHE A 174 -6.47 10.44 -9.83
C PHE A 174 -7.31 10.49 -8.61
N ASN A 175 -7.47 9.36 -7.93
CA ASN A 175 -8.18 9.29 -6.67
C ASN A 175 -7.34 8.50 -5.73
N GLY A 176 -7.15 9.01 -4.52
CA GLY A 176 -6.29 8.36 -3.54
C GLY A 176 -4.91 8.11 -4.11
N GLY A 177 -4.33 9.09 -4.80
CA GLY A 177 -3.03 8.91 -5.47
C GLY A 177 -3.02 8.07 -6.75
N ARG A 178 -3.79 6.95 -6.72
CA ARG A 178 -3.87 5.97 -7.79
C ARG A 178 -4.70 6.45 -9.05
N MSE A 179 -4.40 5.84 -10.20
CA MSE A 179 -4.93 6.31 -11.47
C MSE A 179 -6.16 5.51 -11.95
O MSE A 179 -6.07 4.31 -12.10
CB MSE A 179 -3.83 6.20 -12.50
CG MSE A 179 -4.29 6.64 -13.82
SE MSE A 179 -3.78 8.45 -14.09
CE MSE A 179 -2.21 7.78 -15.03
N GLU A 180 -7.28 6.18 -12.22
CA GLU A 180 -8.51 5.46 -12.48
C GLU A 180 -9.15 5.90 -13.77
N ILE A 181 -10.06 5.09 -14.31
CA ILE A 181 -10.79 5.48 -15.51
C ILE A 181 -12.04 6.23 -15.06
N ALA A 182 -12.16 7.46 -15.54
CA ALA A 182 -13.33 8.26 -15.23
C ALA A 182 -14.37 8.12 -16.34
N ALA A 183 -13.96 7.79 -17.57
CA ALA A 183 -14.91 7.54 -18.67
C ALA A 183 -14.25 6.72 -19.77
N MLY A 184 -14.92 5.64 -20.19
CA MLY A 184 -14.39 4.86 -21.28
CB MLY A 184 -14.91 3.42 -21.15
CG MLY A 184 -14.19 2.61 -20.04
CD MLY A 184 -14.70 1.15 -19.93
CE MLY A 184 -14.66 0.41 -21.30
NZ MLY A 184 -14.86 -1.08 -21.25
CH1 MLY A 184 -16.32 -1.44 -21.31
CH2 MLY A 184 -14.16 -1.69 -22.39
C MLY A 184 -14.81 5.52 -22.64
O MLY A 184 -15.53 4.94 -23.40
N THR A 185 -14.39 6.77 -22.88
CA THR A 185 -14.73 7.46 -24.12
C THR A 185 -13.79 7.08 -25.30
N ARG A 186 -14.24 7.35 -26.52
CA ARG A 186 -13.60 6.89 -27.72
C ARG A 186 -13.46 8.01 -28.74
N THR A 187 -14.07 9.17 -28.48
CA THR A 187 -13.79 10.33 -29.34
C THR A 187 -13.39 11.49 -28.45
N GLN A 188 -12.65 12.45 -29.01
CA GLN A 188 -12.27 13.62 -28.25
C GLN A 188 -13.49 14.44 -27.82
N SER A 189 -14.40 14.63 -28.78
CA SER A 189 -15.67 15.33 -28.53
C SER A 189 -16.45 14.76 -27.34
N MLY A 190 -16.63 13.45 -27.35
CA MLY A 190 -17.36 12.79 -26.27
CB MLY A 190 -17.71 11.35 -26.64
CG MLY A 190 -19.06 11.41 -27.35
CD MLY A 190 -19.43 10.11 -28.04
CE MLY A 190 -20.60 10.32 -29.00
NZ MLY A 190 -21.30 9.06 -29.37
CH1 MLY A 190 -21.11 8.74 -30.78
CH2 MLY A 190 -21.16 7.90 -28.45
C MLY A 190 -16.53 12.88 -24.98
O MLY A 190 -17.10 13.19 -23.92
N ALA A 191 -15.22 12.67 -25.08
CA ALA A 191 -14.34 12.78 -23.90
C ALA A 191 -14.41 14.15 -23.23
N PHE A 192 -14.34 15.22 -24.04
CA PHE A 192 -14.38 16.58 -23.54
C PHE A 192 -15.77 16.85 -22.97
N ALA A 193 -16.80 16.37 -23.65
CA ALA A 193 -18.15 16.62 -23.15
C ALA A 193 -18.29 16.02 -21.76
N MLY A 194 -17.75 14.83 -21.57
CA MLY A 194 -17.85 14.11 -20.31
CB MLY A 194 -17.24 12.75 -20.57
CG MLY A 194 -17.42 11.87 -19.35
CD MLY A 194 -18.91 11.81 -18.99
CE MLY A 194 -19.10 11.10 -17.66
NZ MLY A 194 -20.52 10.69 -17.48
CH1 MLY A 194 -21.18 10.14 -18.71
CH2 MLY A 194 -20.52 9.75 -16.34
C MLY A 194 -17.05 14.79 -19.17
O MLY A 194 -17.50 14.91 -18.03
N LEU A 195 -15.83 15.19 -19.51
CA LEU A 195 -14.98 15.92 -18.60
C LEU A 195 -15.69 17.18 -18.12
N VAL A 196 -16.23 17.95 -19.05
CA VAL A 196 -17.00 19.17 -18.71
C VAL A 196 -18.13 18.79 -17.75
N GLU A 197 -18.84 17.71 -18.07
CA GLU A 197 -19.90 17.19 -17.21
C GLU A 197 -19.44 16.93 -15.77
N LEU A 198 -18.37 16.15 -15.60
CA LEU A 198 -17.82 15.85 -14.28
C LEU A 198 -17.40 17.10 -13.50
N ALA A 199 -16.70 18.03 -14.17
CA ALA A 199 -16.22 19.23 -13.47
C ALA A 199 -17.40 20.09 -13.04
N GLN A 200 -18.38 20.21 -13.93
CA GLN A 200 -19.60 20.91 -13.64
C GLN A 200 -20.32 20.35 -12.42
N ILE A 201 -20.55 19.04 -12.38
CA ILE A 201 -21.16 18.43 -11.17
C ILE A 201 -20.33 18.80 -9.92
N ARG A 202 -19.00 18.70 -10.04
CA ARG A 202 -18.10 18.82 -8.91
C ARG A 202 -17.97 20.24 -8.39
N ALA A 203 -18.12 21.22 -9.31
CA ALA A 203 -18.17 22.63 -8.99
C ALA A 203 -19.31 22.96 -8.01
N ASP A 204 -20.47 22.34 -8.27
CA ASP A 204 -21.66 22.46 -7.42
C ASP A 204 -22.11 23.94 -7.28
N GLY A 205 -22.17 24.63 -8.43
CA GLY A 205 -22.60 26.02 -8.49
C GLY A 205 -21.60 27.06 -7.99
N GLU A 206 -20.40 26.64 -7.63
CA GLU A 206 -19.40 27.57 -7.13
C GLU A 206 -18.26 27.72 -8.15
N PRO A 207 -17.71 28.94 -8.27
CA PRO A 207 -16.55 29.23 -9.13
C PRO A 207 -15.38 28.32 -8.81
N VAL A 208 -14.64 27.97 -9.85
CA VAL A 208 -13.60 27.00 -9.78
C VAL A 208 -12.33 27.67 -10.27
N PHE A 209 -11.18 27.23 -9.78
CA PHE A 209 -9.96 27.62 -10.45
C PHE A 209 -9.43 26.47 -11.33
N ILE A 210 -9.11 26.74 -12.60
CA ILE A 210 -8.74 25.69 -13.54
C ILE A 210 -7.43 25.91 -14.27
N ALA A 211 -6.62 24.86 -14.31
CA ALA A 211 -5.39 24.90 -15.07
C ALA A 211 -5.48 23.81 -16.14
N ILE A 212 -5.39 24.22 -17.39
CA ILE A 212 -5.50 23.25 -18.45
C ILE A 212 -4.13 22.99 -18.99
N GLY A 213 -3.74 21.72 -18.96
CA GLY A 213 -2.43 21.30 -19.43
C GLY A 213 -2.53 20.63 -20.79
N GLN A 214 -1.50 20.80 -21.60
CA GLN A 214 -1.51 20.13 -22.91
C GLN A 214 -0.14 19.63 -23.29
N ASN A 215 -0.14 18.52 -24.00
CA ASN A 215 1.07 18.08 -24.65
C ASN A 215 0.79 17.82 -26.12
N GLU A 216 1.29 18.74 -26.95
CA GLU A 216 1.04 18.73 -28.39
C GLU A 216 -0.44 18.71 -28.70
N ALA A 217 -1.18 19.55 -28.00
CA ALA A 217 -2.63 19.57 -28.11
C ALA A 217 -3.14 21.00 -27.83
N ARG A 218 -2.37 21.98 -28.32
CA ARG A 218 -2.67 23.42 -28.17
C ARG A 218 -4.10 23.80 -28.59
N GLU A 219 -4.48 23.41 -29.80
CA GLU A 219 -5.84 23.64 -30.29
C GLU A 219 -6.90 22.99 -29.42
N ALA A 220 -6.69 21.71 -29.16
CA ALA A 220 -7.64 20.92 -28.38
C ALA A 220 -7.85 21.51 -26.99
N ALA A 221 -6.76 21.89 -26.33
CA ALA A 221 -6.84 22.49 -25.01
C ALA A 221 -7.62 23.81 -25.05
N MLY A 222 -7.45 24.59 -26.11
CA MLY A 222 -8.28 25.77 -26.34
CB MLY A 222 -7.80 26.59 -27.58
CG MLY A 222 -6.49 27.32 -27.20
CD MLY A 222 -6.77 28.70 -26.60
CE MLY A 222 -6.25 28.80 -25.15
NZ MLY A 222 -6.87 29.93 -24.39
CH1 MLY A 222 -7.82 30.77 -25.18
CH2 MLY A 222 -5.83 30.75 -23.73
C MLY A 222 -9.77 25.44 -26.48
O MLY A 222 -10.59 26.12 -25.89
N GLN A 223 -10.11 24.42 -27.26
CA GLN A 223 -11.51 24.03 -27.40
C GLN A 223 -12.07 23.62 -26.06
N LEU A 224 -11.31 22.83 -25.30
CA LEU A 224 -11.78 22.40 -23.98
C LEU A 224 -12.00 23.55 -22.99
N GLU A 225 -11.07 24.49 -22.99
CA GLU A 225 -11.22 25.68 -22.15
C GLU A 225 -12.51 26.44 -22.46
N GLU A 226 -12.75 26.66 -23.75
N GLU A 226 -12.78 26.64 -23.75
CA GLU A 226 -13.97 27.28 -24.25
CA GLU A 226 -13.99 27.31 -24.19
C GLU A 226 -15.21 26.53 -23.72
C GLU A 226 -15.26 26.53 -23.80
N LEU A 227 -15.18 25.21 -23.82
CA LEU A 227 -16.27 24.37 -23.32
C LEU A 227 -16.49 24.57 -21.82
N LEU A 228 -15.39 24.61 -21.06
CA LEU A 228 -15.41 24.73 -19.60
C LEU A 228 -15.87 26.12 -19.13
N ARG A 229 -15.40 27.18 -19.80
CA ARG A 229 -15.96 28.54 -19.65
C ARG A 229 -17.49 28.59 -19.72
N ASN A 230 -18.08 28.02 -20.75
CA ASN A 230 -19.54 28.03 -20.86
C ASN A 230 -20.20 27.25 -19.76
N ALA A 231 -19.58 26.18 -19.31
CA ALA A 231 -20.29 25.30 -18.39
C ALA A 231 -20.08 25.57 -16.89
N LEU A 232 -18.96 26.18 -16.52
CA LEU A 232 -18.61 26.32 -15.12
C LEU A 232 -19.20 27.59 -14.55
N PRO A 233 -19.45 27.65 -13.21
CA PRO A 233 -20.11 28.85 -12.65
C PRO A 233 -19.32 30.12 -12.90
N GLU A 234 -20.03 31.22 -13.08
CA GLU A 234 -19.45 32.52 -13.35
C GLU A 234 -18.40 32.88 -12.32
N GLY A 235 -17.36 33.57 -12.77
CA GLY A 235 -16.24 33.96 -11.91
C GLY A 235 -15.17 32.89 -11.76
N SER A 236 -15.19 31.86 -12.59
CA SER A 236 -14.14 30.83 -12.56
C SER A 236 -12.90 31.33 -13.30
N SER A 237 -11.70 30.92 -12.92
CA SER A 237 -10.54 31.42 -13.67
C SER A 237 -9.79 30.32 -14.37
N PHE A 238 -9.14 30.67 -15.48
CA PHE A 238 -8.53 29.68 -16.34
C PHE A 238 -7.10 29.99 -16.65
N MSE A 239 -6.25 29.01 -16.43
CA MSE A 239 -4.86 29.15 -16.68
C MSE A 239 -4.40 28.05 -17.67
O MSE A 239 -4.91 26.94 -17.65
CB MSE A 239 -4.20 29.03 -15.32
CG MSE A 239 -2.75 29.03 -15.34
SE MSE A 239 -2.14 28.90 -13.56
CE MSE A 239 -0.33 29.28 -14.02
N SER A 240 -3.46 28.37 -18.55
CA SER A 240 -2.89 27.37 -19.46
C SER A 240 -1.52 26.94 -18.97
N VAL A 241 -1.23 25.64 -19.02
CA VAL A 241 0.12 25.14 -18.72
C VAL A 241 0.52 24.08 -19.74
N ASP A 242 1.82 23.86 -19.82
CA ASP A 242 2.37 22.80 -20.61
C ASP A 242 2.58 21.66 -19.67
N ILE A 243 2.21 20.48 -20.13
CA ILE A 243 2.47 19.27 -19.40
C ILE A 243 3.99 19.01 -19.38
N ASP A 244 4.53 18.82 -18.18
CA ASP A 244 5.95 18.54 -17.98
C ASP A 244 6.44 17.47 -18.98
N PRO A 245 7.55 17.70 -19.69
CA PRO A 245 7.98 16.64 -20.65
C PRO A 245 8.16 15.25 -20.01
N THR A 246 8.46 15.20 -18.71
CA THR A 246 8.60 13.93 -18.01
C THR A 246 7.28 13.19 -18.00
N LEU A 247 6.19 13.93 -17.78
CA LEU A 247 4.88 13.35 -17.82
C LEU A 247 4.46 13.05 -19.25
N ALA A 248 4.93 13.84 -20.21
CA ALA A 248 4.51 13.70 -21.60
C ALA A 248 4.99 12.37 -22.14
N VAL A 249 6.13 11.92 -21.61
CA VAL A 249 6.59 10.57 -21.92
C VAL A 249 5.48 9.53 -21.65
N HIS A 250 4.72 9.69 -20.56
CA HIS A 250 3.74 8.69 -20.18
C HIS A 250 2.32 9.00 -20.59
N SER A 251 2.03 10.26 -20.89
CA SER A 251 0.71 10.62 -21.40
C SER A 251 0.61 10.44 -22.92
N GLY A 252 1.71 10.60 -23.64
CA GLY A 252 1.69 10.57 -25.08
C GLY A 252 1.28 11.91 -25.65
N PRO A 253 1.43 12.10 -26.98
CA PRO A 253 1.00 13.34 -27.62
C PRO A 253 -0.54 13.47 -27.67
N GLY A 254 -1.03 14.71 -27.72
CA GLY A 254 -2.45 14.99 -27.82
C GLY A 254 -3.17 15.04 -26.49
N ALA A 255 -2.43 14.77 -25.41
CA ALA A 255 -3.01 14.74 -24.06
C ALA A 255 -3.34 16.11 -23.56
N VAL A 256 -4.49 16.20 -22.88
CA VAL A 256 -4.98 17.39 -22.26
C VAL A 256 -5.42 17.09 -20.80
N SER A 257 -4.84 17.82 -19.84
CA SER A 257 -5.18 17.65 -18.43
C SER A 257 -6.01 18.85 -17.92
N VAL A 258 -6.89 18.56 -16.96
CA VAL A 258 -7.64 19.60 -16.26
C VAL A 258 -7.32 19.45 -14.77
N SER A 259 -6.64 20.45 -14.19
CA SER A 259 -6.39 20.48 -12.74
C SER A 259 -7.31 21.55 -12.20
N ALA A 260 -8.14 21.18 -11.24
CA ALA A 260 -9.14 22.10 -10.75
C ALA A 260 -9.08 22.22 -9.25
N VAL A 261 -9.27 23.42 -8.72
CA VAL A 261 -9.42 23.60 -7.28
C VAL A 261 -10.79 24.14 -7.01
N PHE A 262 -11.54 23.49 -6.13
CA PHE A 262 -12.97 23.78 -5.94
C PHE A 262 -13.22 24.47 -4.61
N ALA A 263 -14.45 24.95 -4.42
CA ALA A 263 -14.89 25.60 -3.18
C ALA A 263 -14.84 24.63 -2.01
N ASN A 264 -15.30 23.41 -2.24
CA ASN A 264 -15.40 22.41 -1.18
C ASN A 264 -14.74 21.06 -1.42
N GLN A 265 -14.77 20.27 -0.36
CA GLN A 265 -14.34 18.90 -0.44
C GLN A 265 -15.23 18.05 -1.32
N ALA A 266 -14.65 16.90 -1.68
CA ALA A 266 -15.09 16.04 -2.78
C ALA A 266 -16.59 15.69 -2.83
N SER B 1 8.42 15.35 48.38
CA SER B 1 7.55 16.24 49.24
C SER B 1 6.84 17.26 48.35
N ASN B 2 5.86 17.99 48.90
CA ASN B 2 5.23 19.10 48.15
C ASN B 2 6.24 20.12 47.68
N ALA B 3 7.18 20.51 48.55
CA ALA B 3 8.26 21.46 48.23
C ALA B 3 9.29 20.91 47.21
N MSE B 4 9.73 19.67 47.42
N MSE B 4 9.75 19.68 47.44
CA MSE B 4 10.72 19.04 46.56
CA MSE B 4 10.74 19.05 46.57
C MSE B 4 10.19 17.73 45.92
C MSE B 4 10.19 17.75 45.93
O MSE B 4 10.53 16.62 46.34
O MSE B 4 10.54 16.65 46.37
CB MSE B 4 12.00 18.79 47.36
CB MSE B 4 12.02 18.77 47.34
CG MSE B 4 12.68 20.11 47.77
CG MSE B 4 12.80 20.06 47.73
SE MSE B 4 13.42 21.06 46.23
SE MSE B 4 14.38 19.74 48.86
CE MSE B 4 15.32 20.64 46.50
CE MSE B 4 15.54 21.21 48.23
N PRO B 5 9.33 17.87 44.90
CA PRO B 5 8.66 16.73 44.28
C PRO B 5 9.56 15.61 43.66
N VAL B 6 8.98 14.42 43.56
CA VAL B 6 9.54 13.33 42.79
C VAL B 6 9.79 13.79 41.35
N ARG B 7 10.90 13.36 40.76
CA ARG B 7 11.18 13.75 39.37
C ARG B 7 10.96 12.57 38.43
N VAL B 8 10.23 12.80 37.37
CA VAL B 8 9.96 11.78 36.37
C VAL B 8 10.91 11.94 35.17
N ILE B 9 11.48 10.84 34.70
CA ILE B 9 12.38 10.82 33.55
C ILE B 9 11.84 9.83 32.54
N VAL B 10 11.84 10.20 31.26
CA VAL B 10 11.52 9.25 30.20
C VAL B 10 12.61 9.31 29.17
N ASP B 11 12.58 8.41 28.21
CA ASP B 11 13.44 8.60 27.05
C ASP B 11 12.60 9.15 25.91
N SER B 12 13.22 9.50 24.80
CA SER B 12 12.52 10.17 23.73
C SER B 12 11.49 9.25 23.03
N SER B 13 11.61 7.94 23.18
CA SER B 13 10.62 7.01 22.63
C SER B 13 9.24 7.12 23.26
N ALA B 14 9.11 7.83 24.38
CA ALA B 14 7.78 8.12 24.91
C ALA B 14 6.96 9.06 23.98
N CYS B 15 7.68 9.77 23.12
CA CYS B 15 7.07 10.69 22.15
C CYS B 15 6.31 11.85 22.76
N LEU B 16 6.67 12.27 23.97
CA LEU B 16 5.97 13.37 24.59
C LEU B 16 6.26 14.68 23.83
N PRO B 17 5.20 15.48 23.56
CA PRO B 17 5.35 16.84 23.06
C PRO B 17 6.23 17.62 24.01
N THR B 18 7.14 18.42 23.43
CA THR B 18 8.10 19.22 24.21
C THR B 18 7.39 20.09 25.24
N HIS B 19 6.28 20.72 24.82
CA HIS B 19 5.54 21.60 25.69
C HIS B 19 4.86 20.83 26.85
N VAL B 20 4.42 19.60 26.61
CA VAL B 20 3.88 18.77 27.68
C VAL B 20 4.98 18.42 28.70
N ALA B 21 6.05 17.80 28.20
CA ALA B 21 7.21 17.53 29.00
C ALA B 21 7.62 18.75 29.83
N GLU B 22 7.59 19.95 29.21
CA GLU B 22 8.00 21.15 29.97
C GLU B 22 7.01 21.55 31.04
N ASP B 23 5.71 21.58 30.74
CA ASP B 23 4.71 21.97 31.76
C ASP B 23 4.65 21.01 32.92
N LEU B 24 4.95 19.74 32.68
CA LEU B 24 4.94 18.77 33.78
C LEU B 24 6.32 18.55 34.37
N ASP B 25 7.31 19.28 33.85
CA ASP B 25 8.69 19.13 34.30
C ASP B 25 9.18 17.66 34.21
N ILE B 26 8.84 17.01 33.09
CA ILE B 26 9.33 15.69 32.82
C ILE B 26 10.64 15.81 32.08
N THR B 27 11.65 15.10 32.57
CA THR B 27 12.92 15.11 31.89
C THR B 27 12.92 14.06 30.78
N VAL B 28 13.42 14.42 29.60
CA VAL B 28 13.44 13.53 28.44
C VAL B 28 14.89 13.29 28.05
N ILE B 29 15.31 12.03 28.09
CA ILE B 29 16.64 11.75 27.54
C ILE B 29 16.56 11.06 26.17
N ASN B 30 17.36 11.51 25.23
CA ASN B 30 17.23 11.09 23.84
C ASN B 30 17.93 9.79 23.61
N LEU B 31 17.27 8.88 22.90
CA LEU B 31 17.91 7.67 22.41
C LEU B 31 18.78 8.05 21.21
N HIS B 32 19.62 7.13 20.74
CA HIS B 32 20.57 7.49 19.67
C HIS B 32 20.13 7.12 18.27
N VAL B 33 20.22 8.08 17.36
CA VAL B 33 20.02 7.82 15.93
C VAL B 33 21.29 8.17 15.19
N MSE B 34 22.02 7.14 14.73
CA MSE B 34 23.34 7.31 14.08
C MSE B 34 23.43 6.93 12.60
O MSE B 34 22.42 6.57 11.97
CB MSE B 34 24.42 6.52 14.85
CG MSE B 34 24.12 5.01 15.08
SE MSE B 34 23.53 4.56 16.91
CE MSE B 34 24.61 5.74 17.96
N ASN B 35 24.66 6.98 12.05
CA ASN B 35 24.90 6.50 10.69
C ASN B 35 25.67 5.20 10.55
N ASN B 36 25.20 4.38 9.63
CA ASN B 36 25.71 3.06 9.38
C ASN B 36 26.08 2.99 7.88
N GLY B 37 27.25 3.55 7.53
CA GLY B 37 27.58 3.82 6.12
C GLY B 37 26.52 4.69 5.45
N GLU B 38 25.77 4.13 4.52
CA GLU B 38 24.66 4.88 3.94
C GLU B 38 23.36 4.76 4.73
N GLU B 39 23.31 3.86 5.69
CA GLU B 39 22.05 3.62 6.37
C GLU B 39 22.04 4.05 7.81
N ARG B 40 20.90 4.52 8.25
CA ARG B 40 20.77 4.98 9.61
C ARG B 40 20.56 3.81 10.55
N SER B 41 20.95 3.99 11.79
CA SER B 41 20.70 2.95 12.75
C SER B 41 20.42 3.58 14.09
N THR B 42 20.07 2.74 15.06
CA THR B 42 19.79 3.28 16.37
C THR B 42 20.54 2.51 17.46
N SER B 43 20.56 3.06 18.65
CA SER B 43 21.19 2.44 19.79
C SER B 43 20.46 2.90 21.05
N GLY B 44 20.42 2.02 22.05
CA GLY B 44 19.83 2.33 23.36
C GLY B 44 20.76 3.20 24.20
N LEU B 45 20.30 3.58 25.38
CA LEU B 45 21.13 4.43 26.27
C LEU B 45 21.97 3.54 27.14
N SER B 46 23.19 3.96 27.36
CA SER B 46 24.12 3.14 28.12
C SER B 46 23.94 3.44 29.62
N SER B 47 24.42 2.57 30.49
CA SER B 47 24.24 2.74 31.92
C SER B 47 25.02 3.98 32.43
N LEU B 48 26.12 4.31 31.77
CA LEU B 48 26.88 5.53 32.01
C LEU B 48 26.03 6.80 31.72
N GLU B 49 25.33 6.86 30.57
CA GLU B 49 24.52 8.02 30.28
C GLU B 49 23.37 8.14 31.28
N LEU B 50 22.80 6.99 31.62
CA LEU B 50 21.66 6.98 32.53
C LEU B 50 22.11 7.31 33.98
N ALA B 51 23.23 6.78 34.43
CA ALA B 51 23.76 7.19 35.73
C ALA B 51 23.95 8.73 35.82
N ALA B 52 24.53 9.34 34.77
CA ALA B 52 24.70 10.79 34.74
C ALA B 52 23.35 11.50 34.77
N SER B 53 22.41 10.97 34.05
CA SER B 53 21.17 11.64 33.89
C SER B 53 20.33 11.50 35.18
N TYR B 54 20.36 10.33 35.80
CA TYR B 54 19.68 10.15 37.08
C TYR B 54 20.29 11.00 38.20
N ALA B 55 21.62 11.02 38.29
CA ALA B 55 22.31 11.84 39.27
C ALA B 55 21.94 13.31 39.12
N ARG B 56 21.85 13.78 37.89
CA ARG B 56 21.50 15.18 37.70
C ARG B 56 20.11 15.49 38.28
N GLN B 57 19.12 14.64 38.02
CA GLN B 57 17.77 14.82 38.60
C GLN B 57 17.71 14.57 40.11
N LEU B 58 18.52 13.65 40.62
CA LEU B 58 18.57 13.47 42.06
C LEU B 58 19.04 14.76 42.73
N GLU B 59 20.08 15.37 42.15
CA GLU B 59 20.61 16.62 42.66
C GLU B 59 19.60 17.76 42.48
N ARG B 60 18.99 17.85 41.31
CA ARG B 60 17.97 18.87 41.05
C ARG B 60 16.79 18.77 42.05
N GLY B 61 16.30 17.57 42.34
CA GLY B 61 15.14 17.45 43.19
C GLY B 61 15.43 17.21 44.65
N GLY B 62 16.62 17.59 45.10
CA GLY B 62 17.05 17.33 46.49
C GLY B 62 16.99 15.86 46.93
N ASP B 63 17.23 14.93 46.01
CA ASP B 63 17.22 13.50 46.35
C ASP B 63 15.88 13.04 46.98
N ASP B 64 14.75 13.48 46.44
CA ASP B 64 13.47 12.92 46.89
C ASP B 64 12.94 11.89 45.88
N GLY B 65 13.83 11.36 45.06
CA GLY B 65 13.50 10.23 44.25
C GLY B 65 13.22 10.56 42.80
N VAL B 66 13.58 9.59 41.98
CA VAL B 66 13.43 9.68 40.55
C VAL B 66 12.62 8.48 40.09
N LEU B 67 11.59 8.75 39.28
CA LEU B 67 10.90 7.70 38.54
C LEU B 67 11.40 7.64 37.08
N ALA B 68 11.90 6.49 36.66
CA ALA B 68 12.40 6.35 35.29
C ALA B 68 11.48 5.41 34.52
N LEU B 69 10.91 5.91 33.42
CA LEU B 69 10.07 5.09 32.51
C LEU B 69 10.67 4.96 31.12
N HIS B 70 11.21 3.81 30.79
CA HIS B 70 11.91 3.66 29.52
C HIS B 70 11.21 2.71 28.57
N ILE B 71 11.61 2.77 27.29
CA ILE B 71 11.18 1.80 26.32
C ILE B 71 11.38 0.35 26.82
N SER B 72 10.45 -0.52 26.49
CA SER B 72 10.51 -1.93 26.76
C SER B 72 11.87 -2.59 26.62
N MLY B 73 12.16 -3.45 27.59
CA MLY B 73 13.38 -4.27 27.62
CB MLY B 73 13.49 -5.08 28.90
CG MLY B 73 12.32 -6.07 29.07
CD MLY B 73 12.33 -6.65 30.50
CE MLY B 73 11.20 -7.66 30.66
NZ MLY B 73 11.02 -8.04 32.08
CH1 MLY B 73 12.21 -8.57 32.78
CH2 MLY B 73 10.03 -9.14 32.09
C MLY B 73 13.47 -5.24 26.43
O MLY B 73 14.57 -5.70 26.11
N GLU B 74 12.34 -5.53 25.79
CA GLU B 74 12.37 -6.46 24.65
C GLU B 74 12.79 -5.76 23.37
N LEU B 75 12.74 -4.43 23.38
CA LEU B 75 12.91 -3.63 22.19
C LEU B 75 14.28 -2.95 22.15
N SER B 76 14.93 -2.87 23.32
CA SER B 76 16.10 -2.02 23.50
C SER B 76 16.86 -2.43 24.73
N SER B 77 18.19 -2.24 24.72
CA SER B 77 19.03 -2.56 25.90
C SER B 77 18.92 -1.50 26.99
N THR B 78 18.11 -0.47 26.74
CA THR B 78 17.95 0.66 27.66
C THR B 78 17.51 0.30 29.09
N TRP B 79 16.45 -0.48 29.19
CA TRP B 79 16.03 -0.94 30.52
C TRP B 79 17.15 -1.66 31.25
N SER B 80 17.89 -2.54 30.59
CA SER B 80 18.90 -3.25 31.37
C SER B 80 19.97 -2.28 31.92
N ALA B 81 20.31 -1.26 31.11
CA ALA B 81 21.24 -0.19 31.48
C ALA B 81 20.66 0.70 32.63
N ALA B 82 19.36 0.96 32.58
CA ALA B 82 18.67 1.71 33.63
C ALA B 82 18.75 1.01 34.98
N VAL B 83 18.51 -0.30 35.00
CA VAL B 83 18.61 -1.09 36.20
C VAL B 83 20.04 -0.99 36.71
N THR B 84 21.02 -1.16 35.81
CA THR B 84 22.41 -1.02 36.21
C THR B 84 22.68 0.37 36.81
N ALA B 85 22.22 1.41 36.13
CA ALA B 85 22.44 2.80 36.62
C ALA B 85 21.78 3.04 37.98
N ALA B 86 20.55 2.56 38.11
CA ALA B 86 19.80 2.80 39.35
C ALA B 86 20.53 2.21 40.61
N ALA B 87 21.22 1.08 40.44
CA ALA B 87 21.95 0.39 41.50
C ALA B 87 23.19 1.18 41.96
N VAL B 88 23.50 2.26 41.26
CA VAL B 88 24.63 3.09 41.67
C VAL B 88 24.24 4.02 42.81
N PHE B 89 22.96 4.17 43.02
CA PHE B 89 22.49 5.08 44.04
C PHE B 89 21.90 4.28 45.18
N ASP B 90 21.61 4.94 46.29
CA ASP B 90 20.86 4.30 47.38
C ASP B 90 19.57 3.73 46.90
N ASP B 91 19.19 2.63 47.52
CA ASP B 91 18.06 1.81 47.14
C ASP B 91 16.77 2.53 46.83
N ASP B 92 16.37 3.45 47.69
CA ASP B 92 15.11 4.17 47.38
C ASP B 92 15.17 5.26 46.32
N SER B 93 16.35 5.57 45.82
CA SER B 93 16.52 6.86 45.10
C SER B 93 15.92 6.83 43.72
N VAL B 94 16.23 5.79 42.95
CA VAL B 94 15.76 5.65 41.60
C VAL B 94 14.91 4.40 41.50
N ARG B 95 13.68 4.56 41.00
N ARG B 95 13.68 4.57 40.99
CA ARG B 95 12.79 3.46 40.71
CA ARG B 95 12.77 3.48 40.69
C ARG B 95 12.57 3.33 39.21
C ARG B 95 12.61 3.35 39.19
N VAL B 96 12.93 2.17 38.66
CA VAL B 96 12.86 1.92 37.22
C VAL B 96 11.63 1.07 36.90
N VAL B 97 10.72 1.63 36.12
CA VAL B 97 9.50 0.92 35.75
C VAL B 97 9.83 -0.03 34.63
N ASP B 98 9.40 -1.27 34.75
CA ASP B 98 9.54 -2.23 33.65
C ASP B 98 8.28 -2.11 32.81
N THR B 99 8.33 -1.27 31.78
CA THR B 99 7.11 -0.80 31.10
C THR B 99 6.46 -1.80 30.18
N SER B 100 7.28 -2.70 29.62
CA SER B 100 6.96 -3.47 28.42
C SER B 100 6.07 -2.70 27.41
N SER B 101 6.46 -1.46 27.13
CA SER B 101 5.70 -0.67 26.22
C SER B 101 6.66 0.32 25.56
N LEU B 102 6.15 1.21 24.74
CA LEU B 102 6.94 2.27 24.12
C LEU B 102 5.96 3.35 23.67
N GLY B 103 6.45 4.57 23.43
CA GLY B 103 5.60 5.57 22.85
C GLY B 103 4.68 6.15 23.91
N MSE B 104 3.58 6.71 23.44
CA MSE B 104 2.72 7.52 24.30
C MSE B 104 1.95 6.76 25.38
O MSE B 104 1.38 7.41 26.26
CB MSE B 104 1.80 8.46 23.51
CG MSE B 104 2.42 9.80 23.17
SE MSE B 104 2.82 10.83 24.77
CE MSE B 104 1.04 11.06 25.61
N ALA B 105 1.97 5.42 25.36
CA ALA B 105 1.47 4.71 26.57
C ALA B 105 2.43 4.96 27.74
N VAL B 106 3.72 4.91 27.47
CA VAL B 106 4.74 5.29 28.45
C VAL B 106 4.63 6.79 28.74
N GLY B 107 4.44 7.60 27.69
CA GLY B 107 4.29 9.04 27.88
C GLY B 107 3.10 9.33 28.76
N ALA B 108 1.97 8.66 28.52
CA ALA B 108 0.80 8.84 29.38
C ALA B 108 1.08 8.43 30.84
N ALA B 109 1.78 7.31 31.02
CA ALA B 109 2.14 6.87 32.36
C ALA B 109 3.01 7.94 33.07
N ALA B 110 3.95 8.50 32.32
CA ALA B 110 4.79 9.57 32.85
C ALA B 110 3.99 10.82 33.22
N MSE B 111 3.02 11.18 32.39
CA MSE B 111 2.20 12.32 32.67
C MSE B 111 1.44 12.10 33.98
O MSE B 111 1.44 12.98 34.86
CB MSE B 111 1.24 12.57 31.50
CG MSE B 111 1.90 13.23 30.31
SE MSE B 111 0.76 13.18 28.73
CE MSE B 111 -0.63 14.45 29.27
N ALA B 112 0.81 10.92 34.13
CA ALA B 112 0.04 10.63 35.35
C ALA B 112 0.92 10.71 36.59
N ALA B 113 2.12 10.13 36.48
CA ALA B 113 3.02 10.12 37.62
C ALA B 113 3.52 11.54 37.94
N ALA B 114 3.84 12.35 36.90
CA ALA B 114 4.29 13.75 37.08
C ALA B 114 3.23 14.65 37.72
N ARG B 115 1.98 14.44 37.33
CA ARG B 115 0.88 15.15 37.97
C ARG B 115 0.75 14.83 39.45
N MSE B 116 0.90 13.56 39.83
CA MSE B 116 0.84 13.21 41.26
C MSE B 116 2.07 13.74 41.97
O MSE B 116 2.00 14.23 43.10
CB MSE B 116 0.76 11.69 41.44
CG MSE B 116 -0.56 11.07 41.04
SE MSE B 116 -0.66 9.38 41.98
CE MSE B 116 -1.45 10.01 43.65
N ALA B 117 3.19 13.63 41.30
CA ALA B 117 4.41 14.19 41.87
C ALA B 117 4.24 15.69 42.18
N MLY B 118 3.66 16.45 41.23
CA MLY B 118 3.49 17.88 41.45
CB MLY B 118 2.86 18.44 40.18
CG MLY B 118 2.74 19.97 40.20
CD MLY B 118 2.50 20.52 38.78
CE MLY B 118 3.60 21.54 38.42
NZ MLY B 118 4.36 21.07 37.25
CH1 MLY B 118 3.69 19.90 36.63
CH2 MLY B 118 5.79 20.82 37.60
C MLY B 118 2.59 18.09 42.70
O MLY B 118 2.73 19.10 43.40
N ASP B 119 1.71 17.14 43.01
CA ASP B 119 0.91 17.22 44.25
C ASP B 119 1.56 16.68 45.51
N GLY B 120 2.83 16.29 45.43
CA GLY B 120 3.55 15.85 46.60
C GLY B 120 3.38 14.38 46.94
N ALA B 121 2.89 13.59 45.99
CA ALA B 121 2.80 12.15 46.15
C ALA B 121 4.20 11.53 46.34
N SER B 122 4.24 10.40 47.05
CA SER B 122 5.48 9.67 47.24
C SER B 122 5.95 8.99 45.95
N LEU B 123 7.24 8.62 45.92
CA LEU B 123 7.81 7.81 44.84
C LEU B 123 6.96 6.56 44.53
N GLN B 124 6.62 5.81 45.58
CA GLN B 124 5.74 4.67 45.54
C GLN B 124 4.40 4.98 44.87
N GLU B 125 3.75 6.06 45.25
CA GLU B 125 2.47 6.44 44.62
C GLU B 125 2.65 6.79 43.13
N CYS B 126 3.72 7.50 42.80
CA CYS B 126 4.00 7.83 41.37
C CYS B 126 4.36 6.56 40.56
N TYR B 127 5.19 5.71 41.14
CA TYR B 127 5.42 4.42 40.57
C TYR B 127 4.11 3.66 40.25
N ASP B 128 3.23 3.54 41.25
CA ASP B 128 1.99 2.73 41.09
C ASP B 128 1.02 3.28 40.09
N ILE B 129 0.94 4.60 39.97
CA ILE B 129 0.04 5.22 38.96
C ILE B 129 0.62 5.01 37.57
N ALA B 130 1.96 5.04 37.46
CA ALA B 130 2.62 4.76 36.19
C ALA B 130 2.29 3.33 35.74
N VAL B 131 2.45 2.36 36.66
CA VAL B 131 2.24 0.98 36.33
C VAL B 131 0.76 0.75 36.03
N ASP B 132 -0.13 1.35 36.81
CA ASP B 132 -1.53 1.18 36.57
C ASP B 132 -1.94 1.69 35.20
N THR B 133 -1.42 2.86 34.81
CA THR B 133 -1.68 3.45 33.50
C THR B 133 -1.21 2.52 32.37
N LEU B 134 -0.03 1.92 32.55
CA LEU B 134 0.47 1.00 31.55
C LEU B 134 -0.40 -0.25 31.41
N MLY B 135 -0.87 -0.77 32.56
CA MLY B 135 -1.71 -1.99 32.55
CB MLY B 135 -2.03 -2.39 33.99
CG MLY B 135 -1.31 -3.66 34.50
CD MLY B 135 -0.56 -3.41 35.82
CE MLY B 135 -0.33 -4.64 36.71
NZ MLY B 135 -1.50 -4.97 37.62
CH1 MLY B 135 -2.87 -4.52 37.19
CH2 MLY B 135 -1.72 -6.43 37.76
C MLY B 135 -3.03 -1.71 31.78
O MLY B 135 -3.65 -2.62 31.23
N ARG B 136 -3.44 -0.45 31.72
CA ARG B 136 -4.70 -0.11 31.07
C ARG B 136 -4.49 0.35 29.62
N SER B 137 -3.30 0.11 29.04
CA SER B 137 -2.97 0.71 27.77
C SER B 137 -2.87 -0.30 26.64
N GLU B 138 -2.91 0.21 25.40
CA GLU B 138 -2.69 -0.62 24.22
C GLU B 138 -1.87 0.19 23.25
N THR B 139 -1.03 -0.51 22.47
CA THR B 139 -0.26 0.15 21.43
C THR B 139 -0.38 -0.59 20.12
N TRP B 140 -0.85 0.14 19.11
CA TRP B 140 -0.93 -0.34 17.76
C TRP B 140 -0.21 0.60 16.84
N ILE B 141 0.32 0.03 15.76
CA ILE B 141 1.03 0.83 14.76
C ILE B 141 0.61 0.36 13.38
N TYR B 142 0.09 1.31 12.60
CA TYR B 142 -0.09 1.12 11.19
C TYR B 142 1.22 1.33 10.44
N LEU B 143 1.57 0.41 9.55
CA LEU B 143 2.80 0.59 8.76
C LEU B 143 2.46 0.71 7.31
N HIS B 144 2.93 1.76 6.65
CA HIS B 144 2.72 1.98 5.22
C HIS B 144 3.49 0.98 4.38
N ARG B 145 4.64 0.57 4.87
CA ARG B 145 5.54 -0.40 4.22
C ARG B 145 6.22 -1.17 5.35
N ILE B 146 6.77 -2.32 5.02
CA ILE B 146 7.25 -3.26 6.05
C ILE B 146 8.76 -3.28 6.08
N ASP B 147 9.39 -2.63 5.09
CA ASP B 147 10.84 -2.72 4.90
C ASP B 147 11.63 -2.36 6.17
N GLU B 148 11.35 -1.21 6.79
CA GLU B 148 12.20 -0.83 7.90
C GLU B 148 11.95 -1.63 9.17
N ILE B 149 10.70 -1.98 9.46
CA ILE B 149 10.50 -2.84 10.62
C ILE B 149 11.14 -4.23 10.46
N TRP B 150 11.16 -4.72 9.22
CA TRP B 150 11.81 -5.99 8.94
C TRP B 150 13.30 -5.94 9.31
N MLY B 151 14.00 -4.93 8.81
CA MLY B 151 15.43 -4.75 9.04
CB MLY B 151 15.92 -3.54 8.24
CG MLY B 151 16.13 -3.87 6.77
CD MLY B 151 16.70 -2.66 6.02
CE MLY B 151 15.59 -2.03 5.19
NZ MLY B 151 16.09 -1.04 4.22
CH1 MLY B 151 15.52 -1.36 2.87
CH2 MLY B 151 15.66 0.31 4.66
C MLY B 151 15.76 -4.40 10.49
O MLY B 151 16.91 -4.39 10.86
N SER B 152 14.77 -4.09 11.29
CA SER B 152 15.00 -3.61 12.64
C SER B 152 15.36 -4.72 13.62
N GLY B 153 15.05 -5.96 13.30
CA GLY B 153 15.28 -7.09 14.20
C GLY B 153 14.22 -7.20 15.29
N ARG B 154 13.25 -6.29 15.32
CA ARG B 154 12.20 -6.34 16.35
C ARG B 154 10.98 -7.18 15.99
N ILE B 155 10.98 -7.79 14.81
CA ILE B 155 9.92 -8.75 14.51
C ILE B 155 10.55 -10.08 14.14
N SER B 156 9.95 -11.16 14.64
CA SER B 156 10.29 -12.50 14.13
C SER B 156 10.10 -12.62 12.58
N THR B 157 10.88 -13.49 11.98
CA THR B 157 10.71 -13.88 10.58
C THR B 157 9.32 -14.52 10.36
N ALA B 158 8.77 -15.07 11.45
CA ALA B 158 7.48 -15.72 11.48
C ALA B 158 6.43 -14.69 11.16
N THR B 159 6.46 -13.58 11.91
CA THR B 159 5.56 -12.46 11.68
C THR B 159 5.88 -11.74 10.36
N ALA B 160 7.09 -11.93 9.83
CA ALA B 160 7.50 -11.26 8.58
C ALA B 160 7.04 -12.01 7.34
N MSE B 161 6.97 -13.35 7.45
CA MSE B 161 6.38 -14.18 6.39
C MSE B 161 4.92 -13.78 6.19
O MSE B 161 4.49 -13.48 5.07
CB MSE B 161 6.54 -15.68 6.73
CG MSE B 161 7.99 -16.18 6.74
SE MSE B 161 8.98 -15.44 5.21
CE MSE B 161 10.63 -14.90 6.13
N VAL B 162 4.18 -13.74 7.31
CA VAL B 162 2.76 -13.33 7.36
C VAL B 162 2.46 -12.00 6.65
N SER B 163 3.31 -10.99 6.87
CA SER B 163 3.14 -9.64 6.26
C SER B 163 3.25 -9.55 4.72
N THR B 164 4.36 -10.07 4.19
CA THR B 164 4.57 -10.27 2.76
C THR B 164 3.34 -10.93 2.15
N ALA B 165 2.90 -11.99 2.84
CA ALA B 165 1.68 -12.72 2.52
C ALA B 165 0.49 -11.90 2.99
N ALA B 167 -0.75 -8.88 4.15
CA ALA B 167 -0.48 -7.90 5.20
C ALA B 167 0.67 -6.92 4.90
N THR B 168 0.74 -6.46 3.64
CA THR B 168 1.77 -5.51 3.20
C THR B 168 1.63 -4.14 3.88
N ARG B 169 0.43 -3.84 4.39
CA ARG B 169 0.25 -2.63 5.19
C ARG B 169 -0.48 -2.90 6.49
N PRO B 170 0.17 -3.63 7.40
CA PRO B 170 -0.48 -4.20 8.58
C PRO B 170 -0.73 -3.17 9.67
N ILE B 171 -1.66 -3.50 10.56
CA ILE B 171 -1.65 -2.96 11.90
C ILE B 171 -0.81 -3.91 12.75
N MSE B 172 0.24 -3.39 13.40
CA MSE B 172 1.03 -4.11 14.39
C MSE B 172 0.53 -3.84 15.80
O MSE B 172 0.02 -2.76 16.11
CB MSE B 172 2.48 -3.68 14.36
CG MSE B 172 3.09 -3.66 13.00
SE MSE B 172 3.22 -5.45 12.26
CE MSE B 172 4.52 -6.23 13.50
N ARG B 173 0.74 -4.82 16.66
CA ARG B 173 0.46 -4.65 18.06
C ARG B 173 1.67 -5.03 18.87
N PHE B 174 1.92 -4.19 19.87
CA PHE B 174 2.94 -4.49 20.82
C PHE B 174 2.26 -4.94 22.09
N ASN B 175 2.27 -6.25 22.31
CA ASN B 175 1.59 -6.87 23.45
C ASN B 175 2.41 -8.04 24.04
N GLY B 176 2.50 -8.10 25.36
CA GLY B 176 3.24 -9.16 26.05
C GLY B 176 4.72 -9.17 25.69
N GLY B 177 5.25 -7.99 25.33
CA GLY B 177 6.66 -7.83 24.92
C GLY B 177 7.01 -8.29 23.50
N ARG B 178 6.03 -8.28 22.61
CA ARG B 178 6.18 -8.87 21.28
C ARG B 178 5.60 -7.95 20.22
N MSE B 179 6.27 -7.84 19.07
CA MSE B 179 5.71 -7.09 17.96
C MSE B 179 5.01 -8.01 17.00
O MSE B 179 5.65 -8.65 16.16
CB MSE B 179 6.77 -6.25 17.25
CG MSE B 179 6.99 -4.87 17.89
SE MSE B 179 5.63 -3.61 17.27
CE MSE B 179 6.26 -3.77 15.44
N GLU B 180 3.68 -8.04 17.11
CA GLU B 180 2.84 -8.97 16.38
C GLU B 180 1.88 -8.21 15.45
N ILE B 181 1.41 -8.89 14.41
CA ILE B 181 0.41 -8.37 13.49
C ILE B 181 -0.99 -8.50 14.08
N ALA B 182 -1.70 -7.40 14.21
CA ALA B 182 -3.07 -7.44 14.71
C ALA B 182 -4.12 -7.44 13.58
N ALA B 183 -3.69 -7.21 12.35
CA ALA B 183 -4.61 -7.03 11.23
C ALA B 183 -3.84 -7.20 9.94
N MLY B 184 -4.14 -8.25 9.18
CA MLY B 184 -3.37 -8.62 7.97
CB MLY B 184 -3.43 -10.14 7.72
CG MLY B 184 -4.49 -10.83 8.59
CD MLY B 184 -3.90 -11.40 9.90
CE MLY B 184 -4.39 -12.83 10.17
NZ MLY B 184 -3.59 -13.46 11.27
CH1 MLY B 184 -4.36 -14.60 11.80
CH2 MLY B 184 -3.20 -12.51 12.36
C MLY B 184 -3.78 -7.78 6.71
O MLY B 184 -3.91 -8.28 5.59
N THR B 185 -3.91 -6.48 6.93
CA THR B 185 -4.51 -5.56 6.02
C THR B 185 -3.52 -5.10 4.92
N ARG B 186 -4.03 -4.53 3.83
CA ARG B 186 -3.17 -4.15 2.70
C ARG B 186 -3.33 -2.71 2.20
N THR B 187 -4.38 -2.04 2.65
CA THR B 187 -4.55 -0.62 2.38
C THR B 187 -4.74 0.13 3.70
N GLN B 188 -4.46 1.43 3.68
CA GLN B 188 -4.56 2.27 4.86
C GLN B 188 -6.00 2.23 5.28
N SER B 189 -6.85 2.30 4.28
CA SER B 189 -8.27 2.37 4.47
C SER B 189 -8.82 1.16 5.25
N MLY B 190 -8.40 -0.04 4.85
CA MLY B 190 -8.82 -1.23 5.56
CB MLY B 190 -8.52 -2.46 4.67
CG MLY B 190 -9.66 -2.73 3.68
CD MLY B 190 -9.19 -3.57 2.48
CE MLY B 190 -10.42 -4.19 1.82
NZ MLY B 190 -10.12 -5.36 0.94
CH1 MLY B 190 -9.97 -5.01 -0.50
CH2 MLY B 190 -9.27 -6.47 1.45
C MLY B 190 -8.09 -1.35 6.93
O MLY B 190 -8.68 -1.82 7.91
N ALA B 191 -6.84 -0.93 7.00
CA ALA B 191 -6.11 -1.03 8.27
C ALA B 191 -6.76 -0.16 9.32
N PHE B 192 -7.14 1.06 8.92
CA PHE B 192 -7.68 2.05 9.82
C PHE B 192 -9.01 1.55 10.33
N ALA B 193 -9.83 1.01 9.42
CA ALA B 193 -11.13 0.46 9.81
C ALA B 193 -10.98 -0.65 10.84
N MLY B 194 -9.97 -1.50 10.69
CA MLY B 194 -9.73 -2.56 11.67
CB MLY B 194 -8.58 -3.41 11.15
CG MLY B 194 -8.67 -4.91 11.55
CD MLY B 194 -9.96 -5.38 12.29
CE MLY B 194 -9.65 -6.54 13.30
NZ MLY B 194 -10.88 -7.29 13.71
CH1 MLY B 194 -11.66 -7.78 12.53
CH2 MLY B 194 -10.53 -8.44 14.57
C MLY B 194 -9.31 -1.95 12.98
O MLY B 194 -9.81 -2.32 14.05
N LEU B 195 -8.38 -1.00 12.91
CA LEU B 195 -7.86 -0.33 14.08
C LEU B 195 -8.97 0.26 14.94
N VAL B 196 -9.84 1.04 14.31
CA VAL B 196 -11.01 1.59 14.94
C VAL B 196 -11.83 0.51 15.65
N GLU B 197 -12.13 -0.56 14.94
CA GLU B 197 -12.91 -1.65 15.48
C GLU B 197 -12.21 -2.15 16.77
N LEU B 198 -10.91 -2.40 16.70
CA LEU B 198 -10.17 -2.88 17.86
C LEU B 198 -10.30 -1.97 19.07
N ALA B 199 -10.09 -0.68 18.84
CA ALA B 199 -10.11 0.32 19.91
C ALA B 199 -11.50 0.40 20.52
N GLN B 200 -12.49 0.29 19.65
CA GLN B 200 -13.88 0.36 20.06
C GLN B 200 -14.28 -0.85 20.91
N ILE B 201 -13.83 -2.04 20.54
CA ILE B 201 -14.06 -3.21 21.39
C ILE B 201 -13.35 -3.10 22.73
N ARG B 202 -12.10 -2.66 22.68
CA ARG B 202 -11.31 -2.56 23.89
C ARG B 202 -11.85 -1.51 24.85
N ALA B 203 -12.39 -0.42 24.33
CA ALA B 203 -12.97 0.64 25.15
C ALA B 203 -14.21 0.16 25.91
N ASP B 204 -14.91 -0.84 25.36
CA ASP B 204 -16.04 -1.45 26.05
C ASP B 204 -17.02 -0.38 26.56
N GLY B 205 -17.38 0.56 25.70
CA GLY B 205 -18.28 1.65 26.12
C GLY B 205 -17.72 2.75 27.04
N GLU B 206 -16.49 2.61 27.52
CA GLU B 206 -15.86 3.62 28.40
C GLU B 206 -14.99 4.66 27.66
N PRO B 207 -14.84 5.88 28.24
CA PRO B 207 -13.92 6.90 27.68
C PRO B 207 -12.48 6.39 27.55
N VAL B 208 -11.80 6.83 26.49
CA VAL B 208 -10.44 6.42 26.21
C VAL B 208 -9.60 7.68 26.05
N PHE B 209 -8.38 7.62 26.56
CA PHE B 209 -7.38 8.59 26.18
C PHE B 209 -6.58 8.05 24.98
N ILE B 210 -6.46 8.86 23.94
CA ILE B 210 -5.76 8.43 22.73
C ILE B 210 -4.67 9.42 22.28
N ALA B 211 -3.47 8.91 22.07
CA ALA B 211 -2.43 9.69 21.41
C ALA B 211 -2.06 9.06 20.06
N ILE B 212 -2.22 9.86 18.99
CA ILE B 212 -1.93 9.42 17.63
C ILE B 212 -0.59 10.01 17.19
N GLY B 213 0.37 9.15 16.87
CA GLY B 213 1.69 9.57 16.44
C GLY B 213 1.79 9.41 14.94
N GLN B 214 2.62 10.23 14.32
CA GLN B 214 2.85 10.09 12.90
C GLN B 214 4.34 10.24 12.60
N ASN B 215 4.85 9.49 11.64
CA ASN B 215 6.10 9.84 10.99
C ASN B 215 5.84 9.94 9.48
N GLU B 216 5.99 11.14 8.94
CA GLU B 216 5.64 11.45 7.56
C GLU B 216 4.27 10.91 7.19
N ALA B 217 3.30 11.20 8.04
CA ALA B 217 1.93 10.72 7.87
C ALA B 217 0.93 11.69 8.54
N ARG B 218 1.20 12.99 8.43
CA ARG B 218 0.34 14.00 9.03
C ARG B 218 -1.13 13.86 8.67
N GLU B 219 -1.48 13.78 7.39
CA GLU B 219 -2.88 13.76 7.04
C GLU B 219 -3.53 12.41 7.29
N ALA B 220 -2.79 11.32 7.10
CA ALA B 220 -3.28 10.01 7.54
C ALA B 220 -3.63 10.01 9.05
N ALA B 221 -2.75 10.57 9.88
CA ALA B 221 -3.02 10.66 11.34
C ALA B 221 -4.27 11.48 11.61
N MLY B 222 -4.48 12.57 10.86
CA MLY B 222 -5.71 13.33 11.07
CB MLY B 222 -5.74 14.68 10.37
CG MLY B 222 -4.69 15.56 11.03
CD MLY B 222 -5.32 16.72 11.74
CE MLY B 222 -5.18 16.59 13.27
NZ MLY B 222 -5.60 17.85 13.93
CH1 MLY B 222 -7.07 17.87 14.17
CH2 MLY B 222 -5.17 19.05 13.14
C MLY B 222 -6.95 12.52 10.67
O MLY B 222 -7.98 12.60 11.32
N GLN B 223 -6.85 11.74 9.60
CA GLN B 223 -7.94 10.88 9.18
C GLN B 223 -8.32 9.87 10.26
N LEU B 224 -7.33 9.16 10.80
CA LEU B 224 -7.53 8.20 11.84
C LEU B 224 -8.13 8.86 13.09
N GLU B 225 -7.63 10.02 13.47
CA GLU B 225 -8.19 10.73 14.62
C GLU B 225 -9.69 10.96 14.45
N GLU B 226 -10.09 11.42 13.27
N GLU B 226 -10.09 11.44 13.26
CA GLU B 226 -11.47 11.70 12.99
CA GLU B 226 -11.49 11.69 12.93
C GLU B 226 -12.33 10.43 13.07
C GLU B 226 -12.33 10.44 13.04
N LEU B 227 -11.85 9.34 12.46
CA LEU B 227 -12.52 8.04 12.55
C LEU B 227 -12.70 7.64 14.02
N LEU B 228 -11.66 7.85 14.83
CA LEU B 228 -11.71 7.53 16.24
C LEU B 228 -12.60 8.45 17.11
N ARG B 229 -12.64 9.76 16.82
CA ARG B 229 -13.57 10.61 17.57
C ARG B 229 -14.98 10.12 17.34
N ASN B 230 -15.29 9.79 16.09
CA ASN B 230 -16.60 9.29 15.75
C ASN B 230 -16.95 7.95 16.38
N ALA B 231 -16.01 7.04 16.46
CA ALA B 231 -16.37 5.69 16.85
C ALA B 231 -16.27 5.41 18.35
N LEU B 232 -15.54 6.23 19.09
CA LEU B 232 -15.23 5.90 20.47
C LEU B 232 -16.17 6.61 21.42
N PRO B 233 -16.32 6.11 22.65
CA PRO B 233 -17.29 6.73 23.56
C PRO B 233 -17.04 8.21 23.91
N GLU B 234 -18.15 8.92 24.12
CA GLU B 234 -18.16 10.31 24.55
C GLU B 234 -17.23 10.48 25.73
N GLY B 235 -16.50 11.58 25.76
CA GLY B 235 -15.55 11.84 26.85
C GLY B 235 -14.17 11.30 26.54
N SER B 236 -14.00 10.69 25.37
CA SER B 236 -12.68 10.26 24.95
C SER B 236 -11.84 11.46 24.58
N SER B 237 -10.54 11.40 24.88
CA SER B 237 -9.67 12.54 24.61
C SER B 237 -8.57 12.22 23.57
N PHE B 238 -8.11 13.23 22.86
CA PHE B 238 -7.17 13.04 21.77
C PHE B 238 -5.99 13.99 21.81
N MSE B 239 -4.83 13.47 21.44
CA MSE B 239 -3.61 14.22 21.41
C MSE B 239 -2.82 13.83 20.13
O MSE B 239 -2.85 12.65 19.73
CB MSE B 239 -2.80 13.93 22.67
CG MSE B 239 -1.55 14.82 22.83
SE MSE B 239 -0.38 14.29 24.32
CE MSE B 239 -1.61 14.68 25.78
N SER B 240 -2.16 14.79 19.50
CA SER B 240 -1.25 14.48 18.36
C SER B 240 0.21 14.50 18.79
N VAL B 241 0.97 13.52 18.35
CA VAL B 241 2.39 13.48 18.67
C VAL B 241 3.15 13.10 17.41
N ASP B 242 4.44 13.37 17.44
CA ASP B 242 5.35 12.92 16.43
C ASP B 242 6.05 11.67 16.92
N ILE B 243 6.11 10.65 16.04
CA ILE B 243 6.89 9.50 16.37
C ILE B 243 8.34 9.94 16.50
N ASP B 244 8.94 9.71 17.66
CA ASP B 244 10.36 9.94 17.94
C ASP B 244 11.23 9.51 16.74
N PRO B 245 12.18 10.35 16.28
CA PRO B 245 13.04 9.99 15.13
C PRO B 245 13.77 8.66 15.27
N THR B 246 14.16 8.30 16.48
CA THR B 246 14.73 6.99 16.75
C THR B 246 13.77 5.86 16.41
N LEU B 247 12.51 5.97 16.80
CA LEU B 247 11.50 4.95 16.42
C LEU B 247 11.24 4.97 14.92
N ALA B 248 11.32 6.16 14.32
CA ALA B 248 10.95 6.38 12.91
C ALA B 248 11.94 5.70 11.99
N VAL B 249 13.19 5.60 12.43
CA VAL B 249 14.14 4.81 11.68
C VAL B 249 13.58 3.39 11.42
N HIS B 250 12.88 2.83 12.42
CA HIS B 250 12.38 1.46 12.33
C HIS B 250 10.92 1.33 11.87
N SER B 251 10.12 2.40 11.97
CA SER B 251 8.77 2.33 11.43
C SER B 251 8.78 2.57 9.93
N GLY B 252 9.71 3.41 9.47
CA GLY B 252 9.63 3.89 8.10
C GLY B 252 8.61 5.02 8.01
N PRO B 253 8.56 5.70 6.86
CA PRO B 253 7.62 6.83 6.67
C PRO B 253 6.19 6.36 6.39
N GLY B 254 5.21 7.21 6.66
CA GLY B 254 3.81 6.85 6.41
C GLY B 254 3.19 6.10 7.60
N ALA B 255 3.99 5.86 8.63
CA ALA B 255 3.54 5.16 9.83
C ALA B 255 2.66 6.04 10.73
N VAL B 256 1.61 5.44 11.26
CA VAL B 256 0.76 6.09 12.21
C VAL B 256 0.61 5.16 13.43
N SER B 257 0.79 5.66 14.65
CA SER B 257 0.66 4.84 15.83
C SER B 257 -0.53 5.29 16.67
N VAL B 258 -1.13 4.37 17.40
CA VAL B 258 -2.20 4.71 18.31
C VAL B 258 -1.80 4.22 19.70
N SER B 259 -1.62 5.16 20.63
CA SER B 259 -1.39 4.83 22.01
C SER B 259 -2.69 5.12 22.76
N ALA B 260 -3.22 4.09 23.42
CA ALA B 260 -4.50 4.26 24.09
C ALA B 260 -4.45 3.80 25.55
N VAL B 261 -5.08 4.59 26.41
CA VAL B 261 -5.28 4.24 27.81
C VAL B 261 -6.76 4.18 28.08
N PHE B 262 -7.20 2.99 28.49
CA PHE B 262 -8.61 2.70 28.73
C PHE B 262 -8.99 2.78 30.19
N ALA B 263 -10.29 2.94 30.44
CA ALA B 263 -10.83 3.01 31.79
C ALA B 263 -10.47 1.79 32.62
N ASN B 264 -10.48 0.62 31.99
N ASN B 264 -10.50 0.61 31.99
CA ASN B 264 -10.19 -0.63 32.69
CA ASN B 264 -10.29 -0.65 32.69
C ASN B 264 -9.13 -1.48 32.03
C ASN B 264 -9.33 -1.59 31.95
N GLN B 265 -8.84 -2.61 32.65
CA GLN B 265 -7.95 -3.62 32.07
C GLN B 265 -8.75 -4.56 31.15
N ALA B 266 -8.05 -5.37 30.36
CA ALA B 266 -8.71 -6.23 29.34
C ALA B 266 -9.38 -7.48 29.93
N PRO B 267 -10.47 -7.95 29.31
CA PRO B 267 -11.34 -9.05 29.76
C PRO B 267 -10.83 -9.80 30.99
N ALA C 3 -30.77 -9.14 -2.05
CA ALA C 3 -29.89 -9.34 -3.25
C ALA C 3 -28.42 -8.89 -3.02
N MSE C 4 -27.60 -9.76 -2.44
CA MSE C 4 -26.18 -9.47 -2.38
C MSE C 4 -25.42 -10.12 -3.45
O MSE C 4 -25.95 -10.98 -4.15
CB MSE C 4 -25.56 -9.83 -1.05
CG MSE C 4 -25.39 -8.59 -0.25
SE MSE C 4 -25.38 -9.30 1.50
CE MSE C 4 -23.43 -9.22 1.86
N PRO C 5 -24.16 -9.70 -3.63
CA PRO C 5 -23.38 -10.20 -4.75
C PRO C 5 -23.22 -11.73 -4.69
N VAL C 6 -23.25 -12.37 -5.86
CA VAL C 6 -22.84 -13.75 -6.06
C VAL C 6 -21.44 -13.97 -5.42
N ARG C 7 -21.25 -15.10 -4.76
CA ARG C 7 -19.95 -15.44 -4.14
C ARG C 7 -19.17 -16.37 -5.07
N VAL C 8 -17.90 -16.05 -5.33
CA VAL C 8 -17.09 -16.80 -6.27
C VAL C 8 -16.08 -17.60 -5.45
N ILE C 9 -16.02 -18.91 -5.71
CA ILE C 9 -15.10 -19.88 -5.03
C ILE C 9 -14.18 -20.54 -6.06
N VAL C 10 -12.89 -20.60 -5.74
CA VAL C 10 -11.92 -21.40 -6.50
C VAL C 10 -11.15 -22.33 -5.52
N ASP C 11 -10.42 -23.32 -6.04
CA ASP C 11 -9.48 -24.06 -5.22
C ASP C 11 -8.10 -23.45 -5.45
N SER C 12 -7.10 -23.91 -4.72
CA SER C 12 -5.77 -23.32 -4.78
C SER C 12 -5.10 -23.45 -6.15
N SER C 13 -5.62 -24.31 -7.00
CA SER C 13 -4.93 -24.56 -8.26
C SER C 13 -5.16 -23.44 -9.27
N ALA C 14 -6.15 -22.57 -9.02
CA ALA C 14 -6.27 -21.37 -9.87
C ALA C 14 -5.05 -20.44 -9.75
N CYS C 15 -4.25 -20.62 -8.70
CA CYS C 15 -3.03 -19.80 -8.49
C CYS C 15 -3.27 -18.31 -8.37
N LEU C 16 -4.44 -17.92 -7.91
CA LEU C 16 -4.71 -16.51 -7.68
C LEU C 16 -3.76 -16.02 -6.61
N PRO C 17 -3.10 -14.86 -6.88
CA PRO C 17 -2.31 -14.20 -5.86
C PRO C 17 -3.25 -13.84 -4.74
N THR C 18 -2.75 -13.93 -3.52
CA THR C 18 -3.63 -13.73 -2.38
C THR C 18 -4.28 -12.37 -2.35
N HIS C 19 -3.54 -11.34 -2.72
CA HIS C 19 -4.10 -9.97 -2.62
C HIS C 19 -5.27 -9.84 -3.59
N VAL C 20 -5.14 -10.44 -4.77
CA VAL C 20 -6.23 -10.45 -5.75
C VAL C 20 -7.50 -11.12 -5.22
N ALA C 21 -7.34 -12.26 -4.54
CA ALA C 21 -8.49 -13.00 -4.01
C ALA C 21 -9.22 -12.19 -2.93
N GLU C 22 -8.46 -11.56 -2.05
CA GLU C 22 -9.04 -10.73 -1.03
C GLU C 22 -9.69 -9.50 -1.63
N ASP C 23 -9.02 -8.84 -2.57
CA ASP C 23 -9.59 -7.62 -3.17
C ASP C 23 -10.93 -7.86 -3.85
N LEU C 24 -11.08 -9.03 -4.49
CA LEU C 24 -12.28 -9.33 -5.26
C LEU C 24 -13.22 -10.18 -4.45
N ASP C 25 -12.83 -10.42 -3.19
CA ASP C 25 -13.55 -11.30 -2.26
C ASP C 25 -13.92 -12.70 -2.85
N ILE C 26 -12.92 -13.31 -3.47
CA ILE C 26 -12.98 -14.69 -4.02
C ILE C 26 -12.42 -15.56 -2.93
N THR C 27 -13.18 -16.60 -2.57
CA THR C 27 -12.79 -17.60 -1.58
C THR C 27 -11.95 -18.66 -2.26
N VAL C 28 -10.86 -19.04 -1.60
CA VAL C 28 -9.93 -20.05 -2.06
C VAL C 28 -9.91 -21.24 -1.11
N ILE C 29 -10.25 -22.42 -1.59
CA ILE C 29 -10.07 -23.65 -0.81
C ILE C 29 -8.83 -24.40 -1.29
N ASN C 30 -7.96 -24.69 -0.34
CA ASN C 30 -6.71 -25.38 -0.60
C ASN C 30 -6.83 -26.85 -0.96
N LEU C 31 -6.22 -27.24 -2.08
CA LEU C 31 -5.95 -28.64 -2.34
C LEU C 31 -4.95 -29.14 -1.33
N HIS C 32 -4.81 -30.45 -1.18
CA HIS C 32 -3.97 -31.02 -0.13
C HIS C 32 -2.65 -31.61 -0.57
N VAL C 33 -1.61 -31.27 0.18
CA VAL C 33 -0.31 -31.94 0.11
C VAL C 33 -0.09 -32.82 1.37
N MSE C 34 0.17 -34.12 1.17
CA MSE C 34 0.62 -35.06 2.22
C MSE C 34 2.13 -35.31 2.21
O MSE C 34 2.78 -35.26 1.15
CB MSE C 34 -0.05 -36.43 2.09
CG MSE C 34 -1.45 -36.52 2.64
SE MSE C 34 -2.75 -36.26 1.20
CE MSE C 34 -4.00 -37.69 1.69
N ASN C 35 2.67 -35.64 3.39
CA ASN C 35 4.10 -35.78 3.61
C ASN C 35 4.58 -37.14 4.12
N ASN C 36 3.84 -38.20 3.79
CA ASN C 36 4.02 -39.56 4.36
C ASN C 36 5.45 -40.02 4.67
N GLU C 39 8.32 -38.74 1.10
CA GLU C 39 7.36 -38.86 0.00
C GLU C 39 6.17 -37.87 0.05
N ARG C 40 6.11 -36.97 -0.94
CA ARG C 40 5.00 -36.01 -1.11
C ARG C 40 3.90 -36.55 -2.03
N SER C 41 2.67 -36.25 -1.63
CA SER C 41 1.46 -36.86 -2.15
C SER C 41 0.39 -35.74 -2.24
N THR C 42 -0.64 -35.90 -3.06
CA THR C 42 -1.68 -34.86 -3.10
C THR C 42 -3.04 -35.49 -3.12
N SER C 43 -4.02 -34.69 -2.76
CA SER C 43 -5.39 -35.13 -2.79
C SER C 43 -6.34 -34.00 -3.23
N GLY C 44 -7.42 -34.35 -3.92
CA GLY C 44 -8.44 -33.36 -4.28
C GLY C 44 -9.32 -33.03 -3.07
N LEU C 45 -10.27 -32.13 -3.26
CA LEU C 45 -11.17 -31.76 -2.18
C LEU C 45 -12.26 -32.79 -2.05
N SER C 46 -12.56 -33.18 -0.83
CA SER C 46 -13.67 -34.07 -0.57
C SER C 46 -14.99 -33.29 -0.63
N SER C 47 -16.05 -34.00 -0.97
CA SER C 47 -17.35 -33.42 -1.06
C SER C 47 -17.76 -32.83 0.30
N LEU C 48 -17.29 -33.45 1.38
CA LEU C 48 -17.52 -32.99 2.76
C LEU C 48 -16.96 -31.57 3.03
N GLU C 49 -15.72 -31.32 2.63
CA GLU C 49 -15.14 -30.00 2.79
C GLU C 49 -15.82 -29.03 1.85
N LEU C 50 -16.23 -29.50 0.68
CA LEU C 50 -16.84 -28.59 -0.26
C LEU C 50 -18.25 -28.21 0.21
N ALA C 51 -18.98 -29.16 0.79
CA ALA C 51 -20.27 -28.85 1.36
C ALA C 51 -20.11 -27.81 2.46
N ALA C 52 -19.13 -27.99 3.33
CA ALA C 52 -18.86 -27.01 4.38
C ALA C 52 -18.56 -25.62 3.77
N SER C 53 -17.64 -25.60 2.82
CA SER C 53 -17.18 -24.36 2.23
C SER C 53 -18.30 -23.65 1.48
N TYR C 54 -19.10 -24.39 0.72
CA TYR C 54 -20.23 -23.80 0.02
C TYR C 54 -21.25 -23.28 1.02
N ALA C 55 -21.54 -24.05 2.06
CA ALA C 55 -22.56 -23.66 3.03
C ALA C 55 -22.20 -22.33 3.69
N ARG C 56 -20.94 -22.19 4.07
CA ARG C 56 -20.44 -21.01 4.73
C ARG C 56 -20.56 -19.79 3.80
N GLN C 57 -20.18 -19.95 2.53
CA GLN C 57 -20.31 -18.88 1.55
C GLN C 57 -21.77 -18.57 1.21
N LEU C 58 -22.64 -19.57 1.23
CA LEU C 58 -24.06 -19.28 1.03
C LEU C 58 -24.62 -18.44 2.16
N GLU C 59 -24.21 -18.74 3.38
CA GLU C 59 -24.65 -18.00 4.55
C GLU C 59 -24.13 -16.54 4.47
N ARG C 60 -22.86 -16.39 4.10
CA ARG C 60 -22.20 -15.12 4.00
C ARG C 60 -22.82 -14.23 2.95
N GLY C 61 -23.27 -14.81 1.86
CA GLY C 61 -23.88 -13.98 0.81
C GLY C 61 -25.40 -13.99 0.79
N GLY C 62 -26.02 -14.26 1.93
CA GLY C 62 -27.48 -14.33 2.04
C GLY C 62 -28.18 -15.27 1.06
N ASP C 63 -27.51 -16.37 0.70
CA ASP C 63 -28.04 -17.40 -0.24
C ASP C 63 -28.42 -16.85 -1.63
N ASP C 64 -27.66 -15.87 -2.11
CA ASP C 64 -27.92 -15.32 -3.44
C ASP C 64 -27.18 -15.99 -4.63
N GLY C 65 -26.30 -16.94 -4.31
CA GLY C 65 -25.66 -17.73 -5.35
C GLY C 65 -24.16 -17.83 -5.14
N VAL C 66 -23.66 -19.04 -5.36
CA VAL C 66 -22.24 -19.32 -5.35
C VAL C 66 -21.91 -19.89 -6.72
N LEU C 67 -20.82 -19.37 -7.29
CA LEU C 67 -20.19 -19.90 -8.49
C LEU C 67 -18.86 -20.57 -8.09
N ALA C 68 -18.79 -21.88 -8.27
CA ALA C 68 -17.58 -22.67 -7.94
C ALA C 68 -16.77 -23.00 -9.21
N LEU C 69 -15.53 -22.56 -9.25
CA LEU C 69 -14.67 -22.80 -10.42
C LEU C 69 -13.50 -23.67 -10.01
N HIS C 70 -13.56 -24.96 -10.36
CA HIS C 70 -12.54 -25.92 -9.92
C HIS C 70 -11.70 -26.48 -11.03
N ILE C 71 -10.57 -27.05 -10.61
CA ILE C 71 -9.63 -27.73 -11.47
C ILE C 71 -10.38 -28.76 -12.33
N SER C 72 -10.03 -28.81 -13.61
CA SER C 72 -10.50 -29.83 -14.54
C SER C 72 -10.79 -31.21 -13.91
N MLY C 73 -11.94 -31.77 -14.22
CA MLY C 73 -12.30 -33.12 -13.75
CB MLY C 73 -13.72 -33.45 -14.18
CG MLY C 73 -13.96 -33.32 -15.67
CD MLY C 73 -15.37 -33.78 -15.99
CE MLY C 73 -15.74 -33.45 -17.45
NZ MLY C 73 -17.05 -34.00 -17.82
CH1 MLY C 73 -18.11 -33.10 -17.34
CH2 MLY C 73 -17.14 -34.08 -19.28
C MLY C 73 -11.40 -34.24 -14.27
O MLY C 73 -11.41 -35.36 -13.73
N GLU C 74 -10.60 -33.95 -15.30
CA GLU C 74 -9.71 -34.97 -15.87
C GLU C 74 -8.46 -35.06 -15.05
N LEU C 75 -8.24 -34.08 -14.19
CA LEU C 75 -6.97 -34.00 -13.49
C LEU C 75 -7.10 -34.18 -11.98
N SER C 76 -8.33 -34.33 -11.50
CA SER C 76 -8.57 -34.34 -10.05
C SER C 76 -9.99 -34.78 -9.77
N SER C 77 -10.17 -35.40 -8.63
CA SER C 77 -11.47 -35.87 -8.22
C SER C 77 -12.29 -34.70 -7.66
N THR C 78 -11.70 -33.52 -7.64
CA THR C 78 -12.32 -32.32 -7.03
C THR C 78 -13.70 -31.99 -7.59
N TRP C 79 -13.79 -31.91 -8.92
CA TRP C 79 -15.01 -31.54 -9.62
C TRP C 79 -16.17 -32.48 -9.34
N SER C 80 -15.87 -33.78 -9.31
CA SER C 80 -16.91 -34.75 -9.05
C SER C 80 -17.34 -34.57 -7.60
N ALA C 81 -16.39 -34.39 -6.69
CA ALA C 81 -16.74 -34.07 -5.30
C ALA C 81 -17.58 -32.78 -5.20
N ALA C 82 -17.25 -31.77 -6.01
CA ALA C 82 -17.99 -30.48 -5.97
C ALA C 82 -19.40 -30.65 -6.48
N VAL C 83 -19.57 -31.52 -7.48
CA VAL C 83 -20.92 -31.85 -7.99
C VAL C 83 -21.78 -32.43 -6.88
N THR C 84 -21.22 -33.37 -6.13
CA THR C 84 -21.92 -34.03 -5.01
C THR C 84 -22.27 -33.02 -3.94
N ALA C 85 -21.30 -32.15 -3.60
CA ALA C 85 -21.54 -31.16 -2.56
C ALA C 85 -22.64 -30.17 -2.98
N ALA C 86 -22.64 -29.73 -4.23
CA ALA C 86 -23.62 -28.72 -4.65
C ALA C 86 -25.04 -29.28 -4.57
N ALA C 87 -25.17 -30.59 -4.69
CA ALA C 87 -26.46 -31.22 -4.71
C ALA C 87 -27.11 -31.25 -3.32
N VAL C 88 -26.34 -30.94 -2.28
CA VAL C 88 -26.92 -30.85 -0.95
C VAL C 88 -27.78 -29.59 -0.76
N PHE C 89 -27.62 -28.61 -1.64
CA PHE C 89 -28.39 -27.38 -1.54
C PHE C 89 -29.44 -27.30 -2.61
N ASP C 90 -30.32 -26.31 -2.48
CA ASP C 90 -31.38 -26.11 -3.45
C ASP C 90 -30.78 -26.04 -4.83
N ASP C 91 -31.57 -26.47 -5.83
CA ASP C 91 -31.09 -26.48 -7.21
C ASP C 91 -30.57 -25.11 -7.64
N ASP C 92 -29.34 -25.11 -8.09
CA ASP C 92 -28.75 -23.93 -8.63
C ASP C 92 -28.49 -22.77 -7.61
N SER C 93 -28.62 -23.04 -6.30
CA SER C 93 -27.99 -22.17 -5.29
C SER C 93 -26.47 -22.13 -5.51
N VAL C 94 -25.92 -23.30 -5.87
CA VAL C 94 -24.51 -23.47 -6.17
C VAL C 94 -24.35 -23.92 -7.62
N ARG C 95 -23.63 -23.13 -8.42
N ARG C 95 -23.64 -23.14 -8.44
CA ARG C 95 -23.33 -23.51 -9.80
CA ARG C 95 -23.37 -23.54 -9.81
C ARG C 95 -21.88 -23.95 -9.91
C ARG C 95 -21.90 -23.94 -9.96
N VAL C 96 -21.67 -25.21 -10.28
CA VAL C 96 -20.31 -25.78 -10.39
C VAL C 96 -19.85 -25.75 -11.84
N VAL C 97 -18.78 -25.03 -12.13
CA VAL C 97 -18.32 -24.96 -13.50
C VAL C 97 -17.38 -26.12 -13.81
N ASP C 98 -17.57 -26.69 -15.00
CA ASP C 98 -16.67 -27.69 -15.58
C ASP C 98 -15.54 -26.95 -16.30
N THR C 99 -14.44 -26.64 -15.63
CA THR C 99 -13.50 -25.67 -16.22
C THR C 99 -12.64 -26.32 -17.29
N SER C 100 -12.49 -27.63 -17.18
CA SER C 100 -11.52 -28.36 -17.97
C SER C 100 -10.22 -27.58 -18.10
N SER C 101 -9.81 -26.94 -17.03
CA SER C 101 -8.52 -26.29 -16.99
C SER C 101 -7.92 -26.25 -15.62
N LEU C 102 -6.92 -25.40 -15.42
CA LEU C 102 -6.34 -25.16 -14.13
C LEU C 102 -5.44 -23.93 -14.17
N GLY C 103 -5.03 -23.42 -13.03
CA GLY C 103 -4.13 -22.27 -12.99
C GLY C 103 -4.85 -20.99 -13.37
N MSE C 104 -4.10 -20.04 -13.91
CA MSE C 104 -4.61 -18.69 -14.01
C MSE C 104 -5.65 -18.46 -15.09
O MSE C 104 -6.33 -17.44 -15.05
CB MSE C 104 -3.49 -17.66 -14.10
CG MSE C 104 -3.02 -17.21 -12.75
SE MSE C 104 -4.34 -16.21 -11.68
CE MSE C 104 -4.69 -14.78 -12.96
N ALA C 105 -5.81 -19.40 -16.03
CA ALA C 105 -7.00 -19.35 -16.90
C ALA C 105 -8.26 -19.40 -16.05
N VAL C 106 -8.31 -20.30 -15.08
CA VAL C 106 -9.40 -20.36 -14.13
C VAL C 106 -9.40 -19.15 -13.16
N GLY C 107 -8.21 -18.72 -12.71
CA GLY C 107 -8.06 -17.49 -11.93
C GLY C 107 -8.67 -16.27 -12.65
N ALA C 108 -8.39 -16.13 -13.97
CA ALA C 108 -8.92 -14.98 -14.71
C ALA C 108 -10.43 -15.13 -14.89
N ALA C 109 -10.90 -16.35 -15.06
CA ALA C 109 -12.35 -16.54 -15.15
C ALA C 109 -13.02 -16.13 -13.83
N ALA C 110 -12.37 -16.41 -12.69
CA ALA C 110 -12.95 -16.09 -11.37
C ALA C 110 -12.98 -14.59 -11.16
N MSE C 111 -11.90 -13.94 -11.58
CA MSE C 111 -11.77 -12.49 -11.50
C MSE C 111 -12.83 -11.85 -12.39
O MSE C 111 -13.52 -10.90 -11.96
CB MSE C 111 -10.39 -12.03 -11.92
CG MSE C 111 -9.30 -12.55 -11.02
SE MSE C 111 -7.54 -12.24 -11.77
CE MSE C 111 -7.57 -10.31 -11.89
N ALA C 112 -13.01 -12.38 -13.60
CA ALA C 112 -14.02 -11.83 -14.49
C ALA C 112 -15.41 -11.96 -13.84
N ALA C 113 -15.67 -13.12 -13.23
CA ALA C 113 -16.96 -13.38 -12.59
C ALA C 113 -17.16 -12.55 -11.32
N ALA C 114 -16.10 -12.41 -10.53
CA ALA C 114 -16.18 -11.69 -9.27
C ALA C 114 -16.44 -10.21 -9.54
N ARG C 115 -15.81 -9.64 -10.57
N ARG C 115 -15.80 -9.69 -10.59
CA ARG C 115 -16.04 -8.22 -10.88
CA ARG C 115 -15.94 -8.31 -11.08
C ARG C 115 -17.48 -7.96 -11.30
C ARG C 115 -17.42 -8.00 -11.29
N MSE C 116 -18.07 -8.88 -12.05
CA MSE C 116 -19.50 -8.77 -12.38
C MSE C 116 -20.43 -8.94 -11.18
O MSE C 116 -21.48 -8.29 -11.07
CB MSE C 116 -19.87 -9.82 -13.41
CG MSE C 116 -19.19 -9.65 -14.71
SE MSE C 116 -20.46 -10.07 -16.10
CE MSE C 116 -21.46 -11.40 -15.18
N ALA C 117 -20.05 -9.84 -10.28
CA ALA C 117 -20.81 -10.08 -9.07
C ALA C 117 -20.88 -8.77 -8.30
N MLY C 118 -19.73 -8.09 -8.21
CA MLY C 118 -19.55 -6.87 -7.46
CB MLY C 118 -18.13 -6.35 -7.65
CG MLY C 118 -17.59 -5.75 -6.36
CD MLY C 118 -16.38 -6.62 -5.91
CE MLY C 118 -15.54 -5.92 -4.83
NZ MLY C 118 -15.77 -6.59 -3.52
CH1 MLY C 118 -16.98 -6.06 -2.81
CH2 MLY C 118 -14.57 -6.38 -2.67
C MLY C 118 -20.48 -5.80 -7.99
O MLY C 118 -20.95 -5.00 -7.21
N ASP C 119 -20.74 -5.79 -9.29
CA ASP C 119 -21.76 -4.85 -9.83
C ASP C 119 -23.16 -5.41 -9.88
N GLY C 120 -23.44 -6.40 -9.03
CA GLY C 120 -24.78 -6.96 -8.88
C GLY C 120 -25.27 -7.82 -10.01
N ALA C 121 -24.38 -8.50 -10.72
CA ALA C 121 -24.77 -9.47 -11.78
C ALA C 121 -25.38 -10.74 -11.18
N SER C 122 -26.30 -11.35 -11.93
CA SER C 122 -26.96 -12.59 -11.51
C SER C 122 -25.99 -13.77 -11.59
N LEU C 123 -26.27 -14.83 -10.85
CA LEU C 123 -25.45 -16.06 -10.90
C LEU C 123 -25.23 -16.51 -12.34
N GLN C 124 -26.28 -16.55 -13.13
CA GLN C 124 -26.20 -17.00 -14.52
C GLN C 124 -25.20 -16.18 -15.32
N GLU C 125 -25.23 -14.85 -15.15
CA GLU C 125 -24.29 -13.96 -15.85
C GLU C 125 -22.84 -14.17 -15.47
N CYS C 126 -22.61 -14.35 -14.17
CA CYS C 126 -21.28 -14.66 -13.66
C CYS C 126 -20.73 -15.96 -14.27
N TYR C 127 -21.60 -16.96 -14.31
CA TYR C 127 -21.30 -18.23 -14.94
C TYR C 127 -20.92 -17.98 -16.41
N ASP C 128 -21.73 -17.19 -17.11
CA ASP C 128 -21.49 -16.94 -18.53
C ASP C 128 -20.16 -16.23 -18.82
N ILE C 129 -19.80 -15.27 -17.98
CA ILE C 129 -18.55 -14.56 -18.16
C ILE C 129 -17.36 -15.45 -17.83
N ALA C 130 -17.52 -16.34 -16.85
CA ALA C 130 -16.45 -17.27 -16.49
C ALA C 130 -16.16 -18.22 -17.66
N VAL C 131 -17.23 -18.77 -18.24
CA VAL C 131 -17.13 -19.73 -19.34
C VAL C 131 -16.50 -19.06 -20.56
N ASP C 132 -16.98 -17.85 -20.84
CA ASP C 132 -16.45 -17.03 -21.93
C ASP C 132 -14.93 -16.84 -21.82
N THR C 133 -14.48 -16.50 -20.62
CA THR C 133 -13.06 -16.31 -20.37
C THR C 133 -12.29 -17.61 -20.61
N LEU C 134 -12.78 -18.73 -20.04
CA LEU C 134 -12.16 -20.03 -20.27
C LEU C 134 -12.07 -20.34 -21.78
N MLY C 135 -13.16 -20.14 -22.52
CA MLY C 135 -13.22 -20.41 -23.96
CB MLY C 135 -14.62 -20.15 -24.55
CG MLY C 135 -15.53 -21.28 -24.10
CD MLY C 135 -16.98 -20.95 -24.43
CE MLY C 135 -17.81 -22.22 -24.73
NZ MLY C 135 -19.06 -21.92 -25.51
CH1 MLY C 135 -20.20 -21.49 -24.67
CH2 MLY C 135 -18.89 -21.05 -26.72
C MLY C 135 -12.18 -19.58 -24.75
O MLY C 135 -11.75 -19.96 -25.82
N ARG C 136 -11.79 -18.46 -24.17
CA ARG C 136 -10.79 -17.58 -24.76
C ARG C 136 -9.37 -17.81 -24.18
N SER C 137 -9.21 -18.78 -23.30
CA SER C 137 -7.91 -19.05 -22.66
C SER C 137 -7.14 -20.20 -23.32
N GLU C 138 -5.85 -20.23 -23.04
CA GLU C 138 -5.00 -21.36 -23.35
C GLU C 138 -4.10 -21.49 -22.15
N THR C 139 -3.60 -22.70 -21.95
CA THR C 139 -2.66 -22.94 -20.90
C THR C 139 -1.57 -23.82 -21.47
N TRP C 140 -0.33 -23.35 -21.37
CA TRP C 140 0.82 -24.11 -21.76
C TRP C 140 1.75 -24.33 -20.59
N ILE C 141 2.30 -25.54 -20.46
CA ILE C 141 3.27 -25.86 -19.38
C ILE C 141 4.63 -26.33 -19.97
N TYR C 142 5.72 -25.67 -19.59
CA TYR C 142 7.05 -26.18 -19.90
C TYR C 142 7.44 -27.08 -18.74
N LEU C 143 7.74 -28.34 -19.08
CA LEU C 143 8.22 -29.30 -18.10
C LEU C 143 9.70 -29.51 -18.33
N HIS C 144 10.50 -29.16 -17.33
CA HIS C 144 11.91 -29.41 -17.39
C HIS C 144 12.19 -30.91 -17.11
N ARG C 145 11.38 -31.47 -16.22
CA ARG C 145 11.55 -32.83 -15.73
C ARG C 145 10.31 -33.59 -16.13
N ILE C 146 10.48 -34.91 -16.27
CA ILE C 146 9.39 -35.79 -16.62
C ILE C 146 9.03 -36.72 -15.44
N ASP C 147 9.95 -36.86 -14.49
CA ASP C 147 9.81 -37.73 -13.35
C ASP C 147 8.49 -37.50 -12.62
N GLU C 148 8.16 -36.24 -12.32
CA GLU C 148 6.97 -35.96 -11.50
C GLU C 148 5.67 -36.16 -12.30
N ILE C 149 5.68 -35.68 -13.53
CA ILE C 149 4.46 -35.71 -14.34
C ILE C 149 4.14 -37.17 -14.67
N TRP C 150 5.20 -37.92 -14.93
CA TRP C 150 5.12 -39.35 -15.17
C TRP C 150 4.44 -40.07 -14.01
N MLY C 151 4.87 -39.80 -12.78
CA MLY C 151 4.35 -40.52 -11.62
CB MLY C 151 5.24 -40.25 -10.42
CG MLY C 151 6.55 -40.95 -10.68
CD MLY C 151 7.54 -40.80 -9.52
CE MLY C 151 8.78 -41.60 -9.87
NZ MLY C 151 9.79 -41.64 -8.80
CH1 MLY C 151 11.09 -41.84 -9.47
CH2 MLY C 151 9.81 -40.46 -7.90
C MLY C 151 2.94 -40.05 -11.28
O MLY C 151 2.23 -40.71 -10.53
N SER C 152 2.53 -38.89 -11.84
CA SER C 152 1.29 -38.22 -11.46
C SER C 152 0.01 -38.89 -11.91
N GLY C 153 0.07 -39.70 -12.97
CA GLY C 153 -1.11 -40.26 -13.60
C GLY C 153 -1.84 -39.30 -14.53
N ARG C 154 -1.44 -38.02 -14.62
CA ARG C 154 -2.23 -37.11 -15.47
C ARG C 154 -1.85 -37.09 -16.96
N ILE C 155 -0.91 -37.94 -17.37
CA ILE C 155 -0.65 -38.08 -18.81
C ILE C 155 -0.81 -39.53 -19.25
N SER C 156 -1.25 -39.73 -20.49
CA SER C 156 -1.29 -41.05 -21.09
C SER C 156 0.11 -41.64 -21.27
N THR C 157 0.15 -42.92 -21.59
CA THR C 157 1.42 -43.58 -21.71
C THR C 157 1.99 -43.24 -23.08
N ALA C 158 1.12 -42.92 -24.03
CA ALA C 158 1.58 -42.49 -25.35
C ALA C 158 2.30 -41.13 -25.23
N THR C 159 1.73 -40.26 -24.39
CA THR C 159 2.32 -38.97 -24.08
C THR C 159 3.66 -39.11 -23.36
N ALA C 160 3.67 -39.93 -22.32
CA ALA C 160 4.90 -40.31 -21.62
C ALA C 160 6.02 -40.69 -22.59
N MSE C 161 5.76 -41.62 -23.50
CA MSE C 161 6.77 -42.13 -24.40
C MSE C 161 7.29 -41.08 -25.33
O MSE C 161 8.48 -41.06 -25.62
CB MSE C 161 6.27 -43.33 -25.20
CG MSE C 161 6.09 -44.57 -24.35
SE MSE C 161 7.79 -45.09 -23.50
CE MSE C 161 9.01 -45.07 -25.02
N VAL C 162 6.41 -40.22 -25.82
CA VAL C 162 6.85 -39.14 -26.71
C VAL C 162 7.81 -38.18 -25.96
N SER C 163 7.56 -38.02 -24.65
CA SER C 163 8.38 -37.12 -23.81
C SER C 163 9.73 -37.71 -23.48
N THR C 164 10.00 -38.86 -24.09
CA THR C 164 11.21 -39.65 -23.99
C THR C 164 12.28 -39.35 -25.09
N ALA C 165 11.88 -39.02 -26.32
CA ALA C 165 12.89 -38.69 -27.34
C ALA C 165 12.48 -37.52 -28.20
N LEU C 166 11.24 -37.51 -28.68
CA LEU C 166 10.77 -36.39 -29.52
C LEU C 166 10.61 -35.10 -28.77
N ALA C 167 10.11 -35.18 -27.54
CA ALA C 167 9.79 -34.00 -26.77
C ALA C 167 10.35 -34.10 -25.35
N THR C 168 11.66 -34.16 -25.23
CA THR C 168 12.32 -34.50 -23.95
C THR C 168 12.23 -33.37 -22.91
N ARG C 169 12.08 -32.13 -23.37
CA ARG C 169 11.72 -30.97 -22.56
C ARG C 169 10.46 -30.33 -23.19
N PRO C 170 9.31 -30.93 -22.93
CA PRO C 170 8.15 -30.55 -23.73
C PRO C 170 7.37 -29.34 -23.25
N ILE C 171 6.55 -28.83 -24.18
CA ILE C 171 5.46 -27.96 -23.88
C ILE C 171 4.21 -28.82 -23.87
N MSE C 172 3.54 -28.80 -22.73
CA MSE C 172 2.23 -29.39 -22.54
C MSE C 172 1.13 -28.36 -22.81
O MSE C 172 1.35 -27.14 -22.76
CB MSE C 172 2.12 -29.92 -21.11
CG MSE C 172 3.19 -30.96 -20.73
SE MSE C 172 3.01 -32.58 -21.79
CE MSE C 172 1.40 -33.23 -21.06
N ARG C 173 -0.08 -28.88 -23.02
CA ARG C 173 -1.22 -28.04 -23.24
C ARG C 173 -2.46 -28.81 -22.79
N PHE C 174 -3.62 -28.16 -22.77
CA PHE C 174 -4.89 -28.86 -22.52
C PHE C 174 -5.89 -28.97 -23.67
N ASN C 175 -6.19 -30.18 -24.11
CA ASN C 175 -7.43 -30.40 -24.85
C ASN C 175 -8.31 -31.43 -24.18
N GLY C 176 -9.62 -31.14 -24.23
CA GLY C 176 -10.62 -31.98 -23.61
C GLY C 176 -10.41 -32.07 -22.11
N GLY C 177 -9.66 -31.15 -21.54
CA GLY C 177 -9.37 -31.27 -20.11
C GLY C 177 -8.13 -32.11 -19.84
N ARG C 178 -7.67 -32.82 -20.89
CA ARG C 178 -6.47 -33.67 -20.92
C ARG C 178 -5.11 -33.00 -21.32
N MSE C 179 -4.06 -33.36 -20.59
CA MSE C 179 -2.72 -32.79 -20.80
C MSE C 179 -1.92 -33.52 -21.82
O MSE C 179 -1.60 -34.68 -21.64
CB MSE C 179 -1.93 -32.78 -19.51
CG MSE C 179 -0.99 -31.61 -19.46
SE MSE C 179 -0.26 -31.62 -17.66
CE MSE C 179 1.06 -32.97 -17.83
N GLU C 180 -1.52 -32.82 -22.88
CA GLU C 180 -0.92 -33.45 -24.05
C GLU C 180 0.21 -32.60 -24.63
N ILE C 181 1.05 -33.17 -25.48
CA ILE C 181 2.19 -32.44 -26.00
C ILE C 181 1.72 -31.39 -26.99
N ALA C 182 2.26 -30.19 -26.88
CA ALA C 182 1.88 -29.10 -27.75
C ALA C 182 3.03 -28.80 -28.67
N ALA C 183 4.21 -29.23 -28.28
CA ALA C 183 5.45 -28.92 -28.97
C ALA C 183 6.51 -29.99 -28.64
N MLY C 184 7.00 -30.61 -29.69
CA MLY C 184 8.04 -31.64 -29.60
CB MLY C 184 7.96 -32.63 -30.79
CG MLY C 184 6.65 -33.42 -30.66
CD MLY C 184 6.30 -34.21 -31.94
CE MLY C 184 4.75 -34.28 -32.10
NZ MLY C 184 4.33 -34.72 -33.46
CH1 MLY C 184 4.65 -33.73 -34.54
CH2 MLY C 184 2.87 -34.99 -33.39
C MLY C 184 9.39 -30.97 -29.50
O MLY C 184 10.08 -30.78 -30.49
N THR C 185 9.77 -30.61 -28.29
CA THR C 185 10.98 -29.83 -28.11
C THR C 185 11.86 -30.52 -27.11
N ARG C 186 13.17 -30.33 -27.26
N ARG C 186 13.17 -30.34 -27.27
CA ARG C 186 14.15 -31.12 -26.51
CA ARG C 186 14.15 -31.12 -26.49
C ARG C 186 15.13 -30.28 -25.70
C ARG C 186 15.08 -30.26 -25.64
N THR C 187 15.05 -28.95 -25.83
CA THR C 187 15.84 -28.04 -24.99
C THR C 187 14.88 -26.93 -24.54
N GLN C 188 15.25 -26.25 -23.45
CA GLN C 188 14.44 -25.17 -22.95
C GLN C 188 14.33 -24.02 -23.95
N SER C 189 15.42 -23.68 -24.61
CA SER C 189 15.42 -22.63 -25.65
C SER C 189 14.40 -22.91 -26.70
N MLY C 190 14.44 -24.11 -27.27
CA MLY C 190 13.53 -24.43 -28.32
CB MLY C 190 13.99 -25.72 -29.04
CG MLY C 190 15.34 -25.50 -29.75
CD MLY C 190 15.18 -25.20 -31.26
CE MLY C 190 16.55 -24.84 -31.91
NZ MLY C 190 16.42 -23.99 -33.12
CH1 MLY C 190 17.65 -23.20 -33.39
CH2 MLY C 190 16.07 -24.81 -34.32
C MLY C 190 12.08 -24.54 -27.74
O MLY C 190 11.12 -24.14 -28.40
N ALA C 191 11.95 -25.04 -26.51
CA ALA C 191 10.64 -25.06 -25.84
C ALA C 191 10.04 -23.65 -25.73
N PHE C 192 10.84 -22.72 -25.24
CA PHE C 192 10.42 -21.33 -25.08
C PHE C 192 10.08 -20.69 -26.42
N ALA C 193 10.91 -20.93 -27.44
CA ALA C 193 10.71 -20.32 -28.74
C ALA C 193 9.41 -20.77 -29.38
N MLY C 194 9.09 -22.05 -29.20
CA MLY C 194 7.89 -22.61 -29.80
CB MLY C 194 8.01 -24.15 -29.69
CG MLY C 194 6.87 -24.86 -30.42
CD MLY C 194 6.97 -24.60 -31.91
CE MLY C 194 5.71 -25.15 -32.57
NZ MLY C 194 5.57 -24.55 -33.93
CH1 MLY C 194 6.71 -24.93 -34.81
CH2 MLY C 194 4.26 -25.01 -34.48
C MLY C 194 6.65 -22.10 -29.10
O MLY C 194 5.65 -21.73 -29.76
N LEU C 195 6.73 -22.05 -27.77
CA LEU C 195 5.65 -21.57 -26.91
C LEU C 195 5.24 -20.15 -27.33
N VAL C 196 6.25 -19.27 -27.42
CA VAL C 196 6.10 -17.88 -27.87
C VAL C 196 5.44 -17.81 -29.27
N GLU C 197 5.88 -18.68 -30.17
CA GLU C 197 5.32 -18.69 -31.50
C GLU C 197 3.84 -19.13 -31.50
N LEU C 198 3.51 -20.15 -30.70
CA LEU C 198 2.14 -20.57 -30.54
C LEU C 198 1.25 -19.48 -29.92
N ALA C 199 1.76 -18.79 -28.92
CA ALA C 199 1.07 -17.64 -28.34
C ALA C 199 0.87 -16.50 -29.37
N GLN C 200 1.93 -16.13 -30.08
CA GLN C 200 1.85 -15.14 -31.13
C GLN C 200 0.75 -15.42 -32.13
N ILE C 201 0.71 -16.63 -32.68
CA ILE C 201 -0.27 -16.99 -33.69
C ILE C 201 -1.65 -16.95 -33.06
N ARG C 202 -1.76 -17.54 -31.88
CA ARG C 202 -3.00 -17.49 -31.13
C ARG C 202 -3.50 -16.05 -30.86
N ALA C 203 -2.61 -15.12 -30.52
CA ALA C 203 -3.06 -13.74 -30.18
C ALA C 203 -3.73 -13.06 -31.36
N ASP C 204 -3.28 -13.42 -32.56
CA ASP C 204 -3.91 -12.92 -33.78
C ASP C 204 -3.84 -11.37 -33.81
N GLY C 205 -2.72 -10.81 -33.33
CA GLY C 205 -2.53 -9.34 -33.38
C GLY C 205 -3.23 -8.52 -32.29
N GLU C 206 -3.93 -9.18 -31.37
CA GLU C 206 -4.66 -8.50 -30.32
C GLU C 206 -4.02 -8.74 -28.94
N PRO C 207 -4.21 -7.79 -28.02
CA PRO C 207 -3.63 -7.88 -26.69
C PRO C 207 -3.98 -9.17 -25.97
N VAL C 208 -3.03 -9.68 -25.19
CA VAL C 208 -3.26 -10.91 -24.43
C VAL C 208 -3.05 -10.63 -22.97
N PHE C 209 -3.84 -11.26 -22.10
CA PHE C 209 -3.47 -11.24 -20.73
C PHE C 209 -2.65 -12.50 -20.39
N ILE C 210 -1.46 -12.30 -19.82
CA ILE C 210 -0.55 -13.40 -19.50
C ILE C 210 -0.21 -13.50 -18.01
N ALA C 211 -0.42 -14.68 -17.43
CA ALA C 211 0.12 -14.97 -16.10
C ALA C 211 1.19 -16.03 -16.23
N ILE C 212 2.38 -15.76 -15.70
CA ILE C 212 3.46 -16.74 -15.77
C ILE C 212 3.71 -17.30 -14.39
N GLY C 213 3.73 -18.62 -14.30
CA GLY C 213 3.99 -19.30 -13.00
C GLY C 213 5.26 -20.12 -13.11
N GLN C 214 5.79 -20.59 -11.99
CA GLN C 214 7.17 -21.02 -11.97
C GLN C 214 7.43 -21.90 -10.73
N ASN C 215 8.31 -22.89 -10.87
CA ASN C 215 8.67 -23.83 -9.83
C ASN C 215 10.14 -23.93 -9.73
N GLU C 216 10.75 -23.27 -8.76
CA GLU C 216 12.17 -23.16 -8.72
C GLU C 216 12.77 -22.86 -10.13
N ALA C 217 12.16 -21.96 -10.88
CA ALA C 217 12.74 -21.47 -12.14
C ALA C 217 12.44 -19.98 -12.42
N ARG C 218 12.85 -19.11 -11.48
CA ARG C 218 12.63 -17.67 -11.59
C ARG C 218 13.32 -17.05 -12.79
N GLU C 219 14.60 -17.38 -12.97
CA GLU C 219 15.35 -16.80 -14.09
C GLU C 219 14.73 -17.19 -15.41
N ALA C 220 14.44 -18.48 -15.55
CA ALA C 220 13.78 -19.01 -16.73
C ALA C 220 12.43 -18.33 -16.96
N ALA C 221 11.68 -18.10 -15.89
CA ALA C 221 10.37 -17.49 -16.06
C ALA C 221 10.53 -16.04 -16.55
N MLY C 222 11.53 -15.29 -16.04
CA MLY C 222 11.73 -13.91 -16.46
CB MLY C 222 12.88 -13.25 -15.71
CG MLY C 222 12.45 -12.70 -14.38
CD MLY C 222 13.67 -12.78 -13.47
CE MLY C 222 13.43 -12.25 -12.04
NZ MLY C 222 14.44 -12.85 -11.12
CH1 MLY C 222 14.59 -12.04 -9.89
CH2 MLY C 222 15.72 -13.27 -11.75
C MLY C 222 12.12 -13.86 -17.92
O MLY C 222 11.72 -12.97 -18.64
N GLN C 223 12.92 -14.84 -18.32
CA GLN C 223 13.39 -14.95 -19.70
C GLN C 223 12.25 -15.18 -20.63
N LEU C 224 11.38 -16.12 -20.27
CA LEU C 224 10.29 -16.46 -21.12
C LEU C 224 9.35 -15.27 -21.22
N GLU C 225 9.17 -14.56 -20.10
CA GLU C 225 8.39 -13.32 -20.07
C GLU C 225 8.87 -12.28 -21.08
N GLU C 226 10.18 -12.02 -21.08
CA GLU C 226 10.78 -11.09 -22.04
C GLU C 226 10.53 -11.54 -23.45
N LEU C 227 10.72 -12.82 -23.74
CA LEU C 227 10.44 -13.28 -25.09
C LEU C 227 8.97 -13.03 -25.47
N LEU C 228 8.05 -13.20 -24.52
CA LEU C 228 6.64 -13.00 -24.75
C LEU C 228 6.32 -11.54 -24.95
N ARG C 229 6.89 -10.70 -24.08
CA ARG C 229 6.84 -9.24 -24.26
C ARG C 229 7.19 -8.78 -25.68
N ASN C 230 8.27 -9.29 -26.25
CA ASN C 230 8.73 -8.83 -27.56
C ASN C 230 7.88 -9.28 -28.71
N ALA C 231 7.24 -10.42 -28.52
CA ALA C 231 6.52 -11.09 -29.58
C ALA C 231 5.02 -10.76 -29.62
N LEU C 232 4.44 -10.47 -28.46
CA LEU C 232 3.00 -10.35 -28.36
C LEU C 232 2.56 -8.94 -28.61
N PRO C 233 1.32 -8.76 -29.12
CA PRO C 233 0.88 -7.42 -29.51
C PRO C 233 0.95 -6.43 -28.37
N GLU C 234 1.12 -5.16 -28.73
CA GLU C 234 1.12 -4.04 -27.81
C GLU C 234 -0.21 -4.00 -27.05
N GLY C 235 -0.13 -3.65 -25.75
CA GLY C 235 -1.28 -3.59 -24.89
C GLY C 235 -1.52 -4.89 -24.14
N SER C 236 -0.62 -5.83 -24.28
CA SER C 236 -0.71 -7.05 -23.50
C SER C 236 -0.31 -6.82 -22.05
N SER C 237 -0.63 -7.76 -21.20
CA SER C 237 -0.34 -7.69 -19.79
C SER C 237 0.41 -8.94 -19.29
N PHE C 238 1.29 -8.76 -18.31
CA PHE C 238 2.14 -9.84 -17.80
C PHE C 238 2.17 -9.83 -16.31
N MSE C 239 1.58 -10.86 -15.70
CA MSE C 239 1.53 -11.02 -14.23
C MSE C 239 2.37 -12.26 -13.83
O MSE C 239 2.36 -13.26 -14.55
CB MSE C 239 0.07 -11.24 -13.83
CG MSE C 239 -0.16 -11.42 -12.37
SE MSE C 239 -1.99 -11.91 -11.97
CE MSE C 239 -1.81 -13.75 -11.61
N SER C 240 3.08 -12.18 -12.71
CA SER C 240 3.81 -13.33 -12.15
C SER C 240 2.97 -13.96 -11.07
N VAL C 241 2.90 -15.27 -11.04
CA VAL C 241 2.19 -15.97 -9.97
C VAL C 241 2.96 -17.16 -9.42
N ASP C 242 2.62 -17.50 -8.19
CA ASP C 242 3.21 -18.67 -7.56
C ASP C 242 2.40 -19.89 -7.91
N ILE C 243 3.06 -20.93 -8.38
CA ILE C 243 2.36 -22.16 -8.68
C ILE C 243 1.99 -22.85 -7.36
N ASP C 244 0.70 -23.14 -7.20
CA ASP C 244 0.17 -23.92 -6.07
C ASP C 244 1.08 -25.13 -5.76
N PRO C 245 1.48 -25.29 -4.49
CA PRO C 245 2.30 -26.45 -4.08
C PRO C 245 1.77 -27.81 -4.53
N THR C 246 0.45 -28.05 -4.51
CA THR C 246 -0.05 -29.32 -5.04
C THR C 246 0.30 -29.50 -6.52
N LEU C 247 0.28 -28.43 -7.30
CA LEU C 247 0.65 -28.56 -8.70
C LEU C 247 2.14 -28.72 -8.83
N ALA C 248 2.90 -28.11 -7.94
CA ALA C 248 4.35 -28.23 -7.96
C ALA C 248 4.83 -29.70 -7.75
N VAL C 249 4.19 -30.43 -6.83
CA VAL C 249 4.47 -31.84 -6.58
C VAL C 249 4.45 -32.66 -7.87
N HIS C 250 3.46 -32.41 -8.73
CA HIS C 250 3.30 -33.19 -9.93
C HIS C 250 4.00 -32.59 -11.16
N SER C 251 4.71 -31.48 -11.02
CA SER C 251 5.44 -30.97 -12.18
C SER C 251 6.93 -30.85 -11.99
N GLY C 252 7.33 -30.66 -10.74
CA GLY C 252 8.73 -30.65 -10.36
C GLY C 252 9.50 -29.39 -10.66
N PRO C 253 10.67 -29.26 -10.05
CA PRO C 253 11.54 -28.11 -10.34
C PRO C 253 11.73 -27.83 -11.83
N GLY C 254 11.76 -26.55 -12.19
CA GLY C 254 12.14 -26.16 -13.51
C GLY C 254 10.95 -25.89 -14.38
N ALA C 255 9.76 -26.22 -13.89
CA ALA C 255 8.52 -26.00 -14.66
C ALA C 255 8.14 -24.51 -14.73
N VAL C 256 7.55 -24.12 -15.85
CA VAL C 256 7.11 -22.77 -16.08
C VAL C 256 5.76 -22.88 -16.78
N SER C 257 4.75 -22.18 -16.27
CA SER C 257 3.45 -22.22 -16.91
C SER C 257 3.12 -20.87 -17.52
N VAL C 258 2.36 -20.92 -18.60
CA VAL C 258 1.83 -19.72 -19.22
C VAL C 258 0.32 -19.91 -19.34
N SER C 259 -0.43 -19.09 -18.60
CA SER C 259 -1.89 -18.97 -18.74
C SER C 259 -2.18 -17.69 -19.54
N ALA C 260 -2.99 -17.82 -20.57
CA ALA C 260 -3.19 -16.73 -21.45
C ALA C 260 -4.66 -16.57 -21.71
N VAL C 261 -5.14 -15.34 -21.56
CA VAL C 261 -6.50 -15.00 -21.99
C VAL C 261 -6.38 -14.10 -23.23
N PHE C 262 -7.01 -14.54 -24.30
CA PHE C 262 -6.94 -13.89 -25.58
C PHE C 262 -8.21 -13.10 -25.87
N ALA C 263 -8.16 -12.27 -26.90
CA ALA C 263 -9.31 -11.42 -27.23
C ALA C 263 -10.49 -12.23 -27.79
N ASN C 264 -10.18 -13.33 -28.49
CA ASN C 264 -11.20 -14.17 -29.10
C ASN C 264 -10.97 -15.66 -28.90
N GLN C 265 -11.97 -16.44 -29.30
CA GLN C 265 -11.91 -17.87 -29.25
C GLN C 265 -10.94 -18.48 -30.26
N ALA C 266 -10.49 -19.69 -29.91
CA ALA C 266 -9.48 -20.43 -30.68
C ALA C 266 -9.84 -20.63 -32.17
N PRO C 267 -11.04 -21.22 -32.46
CA PRO C 267 -11.40 -21.50 -33.87
C PRO C 267 -11.10 -20.31 -34.77
C1 PLM D . 9.20 8.98 -12.44
O1 PLM D . 8.93 8.62 -11.28
O2 PLM D . 9.72 8.14 -13.21
C2 PLM D . 8.89 10.35 -12.97
C3 PLM D . 7.37 10.53 -12.97
C4 PLM D . 6.63 9.86 -14.09
C5 PLM D . 5.17 9.78 -13.62
C6 PLM D . 4.24 9.30 -14.69
C7 PLM D . 2.85 9.21 -14.11
C8 PLM D . 1.73 9.14 -15.17
C9 PLM D . 1.51 10.52 -15.82
CA PLM D . 0.10 10.67 -16.42
CB PLM D . 0.02 11.78 -17.44
CC PLM D . 0.34 13.21 -16.94
CD PLM D . -0.92 13.90 -16.48
CE PLM D . -0.84 15.42 -16.58
CF PLM D . -0.81 16.07 -15.20
CG PLM D . -2.18 16.51 -14.68
C1 PLM E . 17.44 1.10 20.32
O1 PLM E . 17.65 0.32 21.31
O2 PLM E . 18.16 1.00 19.27
C2 PLM E . 16.35 2.16 20.41
C3 PLM E . 15.24 1.94 19.37
C4 PLM E . 14.25 0.79 19.62
C5 PLM E . 13.33 0.70 18.40
C6 PLM E . 12.08 -0.13 18.59
C7 PLM E . 11.52 -0.54 17.25
C8 PLM E . 10.38 0.36 16.74
C9 PLM E . 9.17 -0.44 16.22
CA PLM E . 8.07 0.42 15.56
CB PLM E . 8.21 1.89 15.89
CC PLM E . 6.91 2.66 15.92
CD PLM E . 6.58 2.86 17.38
CE PLM E . 5.82 4.15 17.66
CF PLM E . 4.80 3.71 18.72
CG PLM E . 4.31 4.83 19.60
C1 PLM F . -5.34 -34.00 -6.56
O1 PLM F . -6.38 -34.35 -7.19
O2 PLM F . -4.54 -34.85 -6.11
C2 PLM F . -4.99 -32.55 -6.36
C3 PLM F . -4.78 -32.01 -7.77
C4 PLM F . -3.34 -32.15 -8.27
C5 PLM F . -3.46 -32.22 -9.80
C6 PLM F . -2.13 -31.92 -10.47
C7 PLM F . -2.24 -31.82 -11.99
C8 PLM F . -0.85 -32.03 -12.59
C9 PLM F . -0.50 -30.99 -13.65
CA PLM F . 0.77 -30.25 -13.31
CB PLM F . 0.86 -28.93 -14.05
CC PLM F . 1.40 -27.86 -13.12
CD PLM F . 1.45 -26.43 -13.66
C FMT G . 2.53 -43.36 -17.39
O1 FMT G . 1.57 -42.56 -17.26
O2 FMT G . 3.70 -42.96 -17.25
#